data_4G6C
#
_entry.id   4G6C
#
_cell.length_a   48.830
_cell.length_b   89.680
_cell.length_c   67.100
_cell.angle_alpha   90.000
_cell.angle_beta   91.070
_cell.angle_gamma   90.000
#
_symmetry.space_group_name_H-M   'P 1 21 1'
#
loop_
_entity.id
_entity.type
_entity.pdbx_description
1 polymer 'Beta-hexosaminidase 1'
2 water water
#
_entity_poly.entity_id   1
_entity_poly.type   'polypeptide(L)'
_entity_poly.pdbx_seq_one_letter_code
;HHHHHHMKTTPGPVMLDVVGTTLSRDDARRLAHPNTGGVILFARHFQNRAQLTALTDSIRAVREDILIAVDHEGGRVQRF
RTDGFTVLPAMRRLGELWDRDVLLATKVATAVGYILAAELRACGIDMSFTPVLDLDYGHSKVIGDRAFHRDPRVVTLLAK
SLNHGLSLAGMANCGKHFPGHGFAEADSHVALPTDDRTLDAILEQDVAPYDWLGLSLAAVIPAHVIYTQVDKRPAGFSRV
WLQDILRGKLGFTGAIFSDDLSMEAAREGGTLTQAADAALAAGCDMVLVCNQPDAAEVVLNGLKARASAESVRRIKRMRA
RGKALKWDKLIAQPEYLQAQALLSSALA
;
_entity_poly.pdbx_strand_id   A,B
#
# COMPACT_ATOMS: atom_id res chain seq x y z
N THR A 9 -4.25 -26.13 -10.87
CA THR A 9 -2.80 -25.78 -10.75
C THR A 9 -2.53 -24.85 -9.56
N THR A 10 -1.69 -25.31 -8.64
CA THR A 10 -1.20 -24.47 -7.54
C THR A 10 0.29 -24.26 -7.69
N PRO A 11 0.80 -23.13 -7.19
CA PRO A 11 2.23 -22.80 -7.41
C PRO A 11 3.17 -23.77 -6.71
N GLY A 12 4.22 -24.19 -7.41
CA GLY A 12 5.24 -25.00 -6.79
C GLY A 12 6.33 -24.15 -6.17
N PRO A 13 7.37 -24.80 -5.63
CA PRO A 13 8.39 -24.05 -4.88
C PRO A 13 9.53 -23.47 -5.71
N VAL A 14 9.63 -23.72 -7.00
CA VAL A 14 10.80 -23.30 -7.76
C VAL A 14 10.53 -22.08 -8.64
N MET A 15 11.38 -21.07 -8.48
CA MET A 15 11.40 -19.94 -9.41
C MET A 15 12.60 -20.11 -10.32
N LEU A 16 12.36 -20.07 -11.63
CA LEU A 16 13.41 -20.32 -12.63
C LEU A 16 13.28 -19.24 -13.71
N ASP A 17 14.00 -19.38 -14.83
CA ASP A 17 13.92 -18.37 -15.89
C ASP A 17 13.74 -19.05 -17.23
N VAL A 18 13.45 -18.24 -18.25
CA VAL A 18 13.17 -18.74 -19.59
C VAL A 18 14.33 -18.49 -20.53
N VAL A 19 14.35 -19.17 -21.66
CA VAL A 19 15.54 -19.14 -22.50
C VAL A 19 15.74 -17.88 -23.34
N GLY A 20 14.67 -17.13 -23.61
CA GLY A 20 14.79 -16.01 -24.54
C GLY A 20 13.71 -14.95 -24.40
N THR A 21 13.48 -14.22 -25.48
CA THR A 21 12.52 -13.11 -25.48
C THR A 21 11.12 -13.53 -25.91
N THR A 22 11.00 -14.74 -26.44
CA THR A 22 9.71 -15.39 -26.67
CA THR A 22 9.74 -15.41 -26.74
C THR A 22 9.83 -16.82 -26.13
N LEU A 23 8.72 -17.40 -25.70
CA LEU A 23 8.76 -18.72 -25.07
CA LEU A 23 8.75 -18.71 -25.05
C LEU A 23 9.06 -19.81 -26.07
N SER A 24 9.84 -20.78 -25.64
CA SER A 24 10.09 -22.00 -26.40
C SER A 24 9.23 -23.15 -25.84
N ARG A 25 9.13 -24.25 -26.59
CA ARG A 25 8.42 -25.44 -26.12
C ARG A 25 9.04 -25.99 -24.82
N ASP A 26 10.35 -25.93 -24.71
CA ASP A 26 11.02 -26.38 -23.50
C ASP A 26 10.64 -25.49 -22.31
N ASP A 27 10.60 -24.17 -22.52
CA ASP A 27 10.10 -23.31 -21.46
C ASP A 27 8.69 -23.74 -21.05
N ALA A 28 7.82 -24.00 -22.03
CA ALA A 28 6.43 -24.28 -21.69
C ALA A 28 6.33 -25.59 -20.89
N ARG A 29 7.19 -26.56 -21.20
CA ARG A 29 7.23 -27.79 -20.41
C ARG A 29 7.61 -27.51 -18.96
N ARG A 30 8.63 -26.66 -18.76
CA ARG A 30 9.03 -26.33 -17.38
C ARG A 30 7.97 -25.52 -16.65
N LEU A 31 7.33 -24.60 -17.36
CA LEU A 31 6.28 -23.78 -16.74
C LEU A 31 5.07 -24.59 -16.28
N ALA A 32 4.83 -25.74 -16.91
CA ALA A 32 3.68 -26.59 -16.61
C ALA A 32 3.99 -27.59 -15.49
N HIS A 33 5.25 -27.73 -15.12
CA HIS A 33 5.64 -28.69 -14.09
C HIS A 33 5.05 -28.31 -12.77
N PRO A 34 4.50 -29.29 -12.01
CA PRO A 34 3.85 -28.91 -10.75
C PRO A 34 4.81 -28.21 -9.76
N ASN A 35 6.10 -28.49 -9.83
CA ASN A 35 7.03 -27.85 -8.90
C ASN A 35 7.47 -26.44 -9.27
N THR A 36 7.02 -25.93 -10.42
CA THR A 36 7.31 -24.54 -10.80
C THR A 36 6.28 -23.60 -10.18
N GLY A 37 6.80 -22.55 -9.55
CA GLY A 37 5.96 -21.50 -8.97
C GLY A 37 6.26 -20.11 -9.47
N GLY A 38 7.39 -19.91 -10.15
CA GLY A 38 7.75 -18.53 -10.53
C GLY A 38 8.73 -18.45 -11.67
N VAL A 39 8.74 -17.26 -12.28
CA VAL A 39 9.73 -16.86 -13.28
C VAL A 39 10.41 -15.60 -12.79
N ILE A 40 11.74 -15.58 -12.82
CA ILE A 40 12.50 -14.36 -12.62
C ILE A 40 13.01 -13.89 -13.99
N LEU A 41 12.95 -12.58 -14.24
CA LEU A 41 13.38 -12.01 -15.50
C LEU A 41 14.69 -11.27 -15.31
N PHE A 42 15.54 -11.32 -16.36
CA PHE A 42 16.81 -10.57 -16.37
C PHE A 42 16.85 -9.62 -17.57
N ALA A 43 17.91 -8.82 -17.67
CA ALA A 43 18.00 -7.85 -18.77
C ALA A 43 17.90 -8.53 -20.13
N ARG A 44 18.45 -9.75 -20.24
CA ARG A 44 18.43 -10.47 -21.50
C ARG A 44 17.01 -10.81 -21.98
N HIS A 45 16.04 -10.77 -21.06
CA HIS A 45 14.64 -11.02 -21.43
C HIS A 45 13.92 -9.81 -21.94
N PHE A 46 14.61 -8.68 -22.06
CA PHE A 46 13.97 -7.42 -22.43
C PHE A 46 14.58 -6.82 -23.67
N GLN A 47 13.75 -6.71 -24.71
CA GLN A 47 14.08 -5.97 -25.95
C GLN A 47 13.35 -4.62 -25.92
N ASN A 48 12.06 -4.66 -25.66
CA ASN A 48 11.26 -3.43 -25.55
C ASN A 48 9.95 -3.79 -24.84
N ARG A 49 9.14 -2.80 -24.52
CA ARG A 49 7.95 -3.05 -23.71
C ARG A 49 6.98 -4.01 -24.40
N ALA A 50 6.75 -3.84 -25.69
CA ALA A 50 5.78 -4.70 -26.36
C ALA A 50 6.20 -6.16 -26.32
N GLN A 51 7.49 -6.38 -26.54
CA GLN A 51 8.01 -7.74 -26.47
C GLN A 51 7.88 -8.30 -25.05
N LEU A 52 8.19 -7.47 -24.04
CA LEU A 52 8.14 -7.97 -22.67
C LEU A 52 6.70 -8.32 -22.27
N THR A 53 5.75 -7.44 -22.60
CA THR A 53 4.34 -7.66 -22.31
C THR A 53 3.86 -8.96 -22.99
N ALA A 54 4.25 -9.19 -24.23
CA ALA A 54 3.86 -10.43 -24.90
C ALA A 54 4.47 -11.64 -24.21
N LEU A 55 5.71 -11.50 -23.75
CA LEU A 55 6.38 -12.59 -23.06
C LEU A 55 5.68 -12.96 -21.77
N THR A 56 5.37 -11.97 -20.92
CA THR A 56 4.75 -12.31 -19.65
C THR A 56 3.33 -12.83 -19.87
N ASP A 57 2.62 -12.26 -20.85
CA ASP A 57 1.27 -12.78 -21.18
C ASP A 57 1.36 -14.27 -21.56
N SER A 58 2.38 -14.62 -22.35
CA SER A 58 2.52 -15.99 -22.80
C SER A 58 2.88 -16.93 -21.66
N ILE A 59 3.65 -16.45 -20.69
CA ILE A 59 3.98 -17.24 -19.50
C ILE A 59 2.72 -17.57 -18.69
N ARG A 60 1.89 -16.55 -18.43
CA ARG A 60 0.64 -16.75 -17.70
C ARG A 60 -0.34 -17.63 -18.48
N ALA A 61 -0.31 -17.55 -19.80
CA ALA A 61 -1.18 -18.41 -20.61
C ALA A 61 -0.85 -19.90 -20.39
N VAL A 62 0.43 -20.22 -20.20
CA VAL A 62 0.83 -21.60 -19.90
C VAL A 62 0.48 -22.00 -18.46
N ARG A 63 0.78 -21.12 -17.50
CA ARG A 63 0.62 -21.44 -16.08
C ARG A 63 -0.04 -20.26 -15.39
N GLU A 64 -1.37 -20.33 -15.22
CA GLU A 64 -2.15 -19.17 -14.77
C GLU A 64 -1.77 -18.65 -13.39
N ASP A 65 -1.28 -19.55 -12.53
CA ASP A 65 -0.95 -19.25 -11.14
C ASP A 65 0.53 -18.86 -10.92
N ILE A 66 1.29 -18.68 -12.01
CA ILE A 66 2.73 -18.36 -11.90
C ILE A 66 2.95 -16.97 -11.31
N LEU A 67 4.06 -16.82 -10.59
CA LEU A 67 4.49 -15.53 -10.04
C LEU A 67 5.64 -15.02 -10.93
N ILE A 68 5.56 -13.77 -11.41
CA ILE A 68 6.64 -13.24 -12.27
C ILE A 68 7.33 -12.08 -11.55
N ALA A 69 8.65 -12.22 -11.36
CA ALA A 69 9.44 -11.29 -10.56
C ALA A 69 10.66 -10.77 -11.32
N VAL A 70 11.24 -9.68 -10.82
CA VAL A 70 12.43 -9.10 -11.40
C VAL A 70 13.19 -8.37 -10.29
N ASP A 71 14.49 -8.21 -10.46
CA ASP A 71 15.28 -7.36 -9.58
C ASP A 71 15.28 -5.89 -10.04
N HIS A 72 14.27 -5.14 -9.56
CA HIS A 72 14.19 -3.69 -9.81
C HIS A 72 14.37 -2.96 -8.50
N GLU A 73 15.62 -2.62 -8.20
CA GLU A 73 15.90 -1.80 -7.02
C GLU A 73 16.05 -0.33 -7.35
N GLY A 74 16.67 -0.07 -8.50
CA GLY A 74 17.13 1.26 -8.86
C GLY A 74 18.65 1.32 -8.80
N GLY A 75 19.23 2.34 -9.41
CA GLY A 75 20.69 2.48 -9.32
C GLY A 75 21.37 1.33 -10.06
N ARG A 76 22.24 0.62 -9.35
CA ARG A 76 23.02 -0.47 -9.93
C ARG A 76 22.25 -1.74 -10.26
N VAL A 77 21.05 -1.89 -9.70
CA VAL A 77 20.26 -3.10 -9.93
C VAL A 77 18.89 -2.74 -10.49
N GLN A 78 18.80 -2.76 -11.83
CA GLN A 78 17.56 -2.45 -12.51
C GLN A 78 17.65 -3.09 -13.87
N ARG A 79 16.93 -4.18 -14.07
CA ARG A 79 17.09 -4.94 -15.33
C ARG A 79 16.62 -4.18 -16.57
N PHE A 80 15.49 -3.47 -16.45
CA PHE A 80 14.93 -2.77 -17.61
C PHE A 80 15.12 -1.28 -17.45
N ARG A 81 15.93 -0.70 -18.33
CA ARG A 81 16.32 0.72 -18.22
C ARG A 81 16.10 1.51 -19.50
N THR A 82 15.42 0.90 -20.45
CA THR A 82 15.23 1.49 -21.78
C THR A 82 13.78 1.38 -22.20
N ASP A 83 13.47 1.91 -23.38
CA ASP A 83 12.11 1.98 -23.90
C ASP A 83 11.09 2.40 -22.84
N GLY A 84 11.33 3.53 -22.19
CA GLY A 84 10.30 4.10 -21.37
C GLY A 84 10.36 3.74 -19.91
N PHE A 85 11.08 2.68 -19.54
CA PHE A 85 11.31 2.41 -18.12
C PHE A 85 12.09 3.58 -17.51
N THR A 86 11.61 4.08 -16.40
CA THR A 86 12.30 5.18 -15.72
C THR A 86 13.53 4.64 -15.02
N VAL A 87 14.67 5.28 -15.25
CA VAL A 87 15.90 4.90 -14.57
C VAL A 87 15.81 5.47 -13.15
N LEU A 88 15.79 4.58 -12.15
CA LEU A 88 15.50 5.00 -10.80
C LEU A 88 16.82 5.25 -10.05
N PRO A 89 16.79 6.12 -9.04
CA PRO A 89 17.99 6.39 -8.26
C PRO A 89 18.45 5.15 -7.47
N ALA A 90 19.74 5.12 -7.15
CA ALA A 90 20.22 4.21 -6.09
C ALA A 90 19.49 4.55 -4.78
N MET A 91 19.18 3.55 -3.97
CA MET A 91 18.47 3.82 -2.71
C MET A 91 19.28 4.73 -1.77
N ARG A 92 20.60 4.69 -1.88
CA ARG A 92 21.43 5.62 -1.07
C ARG A 92 21.02 7.07 -1.30
N ARG A 93 20.61 7.42 -2.52
CA ARG A 93 20.19 8.80 -2.83
CA ARG A 93 20.21 8.79 -2.83
C ARG A 93 19.02 9.21 -1.96
N LEU A 94 18.13 8.27 -1.66
CA LEU A 94 16.98 8.58 -0.80
C LEU A 94 17.39 8.83 0.64
N GLY A 95 18.37 8.08 1.14
CA GLY A 95 18.99 8.38 2.45
C GLY A 95 19.66 9.75 2.50
N GLU A 96 20.30 10.15 1.40
CA GLU A 96 20.97 11.46 1.35
C GLU A 96 19.93 12.57 1.35
N LEU A 97 18.82 12.33 0.67
CA LEU A 97 17.74 13.32 0.68
C LEU A 97 17.13 13.45 2.08
N TRP A 98 16.91 12.33 2.74
CA TRP A 98 16.41 12.29 4.12
C TRP A 98 17.28 13.13 5.04
N ASP A 99 18.59 13.03 4.87
CA ASP A 99 19.51 13.78 5.72
C ASP A 99 19.35 15.30 5.55
N ARG A 100 18.71 15.71 4.45
CA ARG A 100 18.40 17.13 4.23
C ARG A 100 16.95 17.48 4.58
N ASP A 101 16.01 16.58 4.29
CA ASP A 101 14.59 16.88 4.46
C ASP A 101 13.86 15.54 4.61
N VAL A 102 13.56 15.16 5.86
CA VAL A 102 12.98 13.86 6.16
C VAL A 102 11.65 13.70 5.46
N LEU A 103 10.76 14.68 5.60
CA LEU A 103 9.40 14.50 5.08
C LEU A 103 9.41 14.42 3.55
N LEU A 104 10.20 15.26 2.90
CA LEU A 104 10.31 15.20 1.45
C LEU A 104 10.85 13.84 1.00
N ALA A 105 11.84 13.33 1.72
CA ALA A 105 12.38 12.02 1.36
C ALA A 105 11.33 10.92 1.41
N THR A 106 10.45 10.97 2.43
CA THR A 106 9.38 9.96 2.49
C THR A 106 8.42 10.08 1.31
N LYS A 107 8.12 11.31 0.90
CA LYS A 107 7.24 11.59 -0.22
C LYS A 107 7.89 11.05 -1.51
N VAL A 108 9.18 11.32 -1.69
CA VAL A 108 9.93 10.88 -2.89
C VAL A 108 10.03 9.33 -2.90
N ALA A 109 10.28 8.72 -1.73
CA ALA A 109 10.35 7.24 -1.68
C ALA A 109 9.06 6.61 -2.17
N THR A 110 7.93 7.18 -1.76
CA THR A 110 6.63 6.67 -2.25
C THR A 110 6.48 6.89 -3.76
N ALA A 111 6.87 8.07 -4.28
CA ALA A 111 6.82 8.29 -5.73
C ALA A 111 7.69 7.29 -6.51
N VAL A 112 8.90 7.01 -6.00
CA VAL A 112 9.76 6.00 -6.59
C VAL A 112 9.08 4.63 -6.61
N GLY A 113 8.50 4.24 -5.49
CA GLY A 113 7.84 2.92 -5.42
C GLY A 113 6.66 2.84 -6.35
N TYR A 114 5.89 3.92 -6.46
CA TYR A 114 4.75 3.91 -7.38
C TYR A 114 5.17 3.79 -8.84
N ILE A 115 6.17 4.59 -9.25
CA ILE A 115 6.68 4.49 -10.61
C ILE A 115 7.22 3.08 -10.92
N LEU A 116 8.03 2.57 -9.99
CA LEU A 116 8.68 1.29 -10.14
C LEU A 116 7.61 0.22 -10.38
N ALA A 117 6.61 0.18 -9.49
CA ALA A 117 5.59 -0.84 -9.58
C ALA A 117 4.66 -0.65 -10.79
N ALA A 118 4.26 0.60 -11.04
CA ALA A 118 3.31 0.83 -12.13
C ALA A 118 3.91 0.44 -13.49
N GLU A 119 5.19 0.74 -13.69
CA GLU A 119 5.84 0.42 -14.96
C GLU A 119 5.97 -1.11 -15.12
N LEU A 120 6.35 -1.79 -14.03
CA LEU A 120 6.42 -3.25 -14.10
C LEU A 120 5.06 -3.89 -14.35
N ARG A 121 4.03 -3.39 -13.67
CA ARG A 121 2.69 -3.93 -13.89
C ARG A 121 2.19 -3.70 -15.31
N ALA A 122 2.59 -2.57 -15.89
CA ALA A 122 2.22 -2.30 -17.27
C ALA A 122 2.79 -3.34 -18.25
N CYS A 123 3.86 -4.02 -17.87
CA CYS A 123 4.42 -5.11 -18.67
C CYS A 123 4.06 -6.49 -18.11
N GLY A 124 3.13 -6.55 -17.16
CA GLY A 124 2.62 -7.87 -16.71
C GLY A 124 3.49 -8.59 -15.70
N ILE A 125 4.25 -7.84 -14.92
CA ILE A 125 5.15 -8.39 -13.87
C ILE A 125 4.45 -8.27 -12.51
N ASP A 126 4.56 -9.28 -11.66
CA ASP A 126 3.93 -9.21 -10.34
C ASP A 126 4.67 -8.39 -9.31
N MET A 127 5.99 -8.51 -9.28
CA MET A 127 6.73 -7.98 -8.13
C MET A 127 8.18 -7.71 -8.50
N SER A 128 8.80 -6.84 -7.70
CA SER A 128 10.23 -6.62 -7.70
C SER A 128 10.84 -7.11 -6.39
N PHE A 129 12.04 -7.69 -6.47
CA PHE A 129 12.79 -8.03 -5.27
C PHE A 129 13.47 -6.77 -4.71
N THR A 130 12.67 -5.99 -4.00
CA THR A 130 13.08 -4.73 -3.36
C THR A 130 12.11 -4.56 -2.18
N PRO A 131 12.51 -3.92 -1.06
CA PRO A 131 13.69 -3.14 -0.78
C PRO A 131 14.87 -3.87 -0.15
N VAL A 132 16.06 -3.41 -0.47
CA VAL A 132 17.23 -3.71 0.36
C VAL A 132 17.07 -3.04 1.73
N LEU A 133 17.14 -3.85 2.79
CA LEU A 133 17.07 -3.39 4.16
C LEU A 133 18.43 -3.48 4.83
N ASP A 134 19.46 -3.91 4.09
CA ASP A 134 20.85 -3.94 4.59
C ASP A 134 21.26 -2.53 5.02
N LEU A 135 21.95 -2.45 6.16
CA LEU A 135 22.37 -1.14 6.65
C LEU A 135 23.65 -0.73 5.96
N ASP A 136 23.77 0.58 5.71
CA ASP A 136 24.96 1.13 5.05
C ASP A 136 26.10 1.35 6.04
N TYR A 137 26.73 0.25 6.46
CA TYR A 137 27.91 0.34 7.31
C TYR A 137 29.09 0.83 6.50
N GLY A 138 29.04 0.65 5.17
CA GLY A 138 30.16 0.96 4.28
C GLY A 138 31.13 -0.18 4.13
N HIS A 139 30.80 -1.34 4.70
CA HIS A 139 31.68 -2.52 4.70
C HIS A 139 31.50 -3.40 3.49
N SER A 140 30.32 -3.35 2.87
CA SER A 140 30.00 -4.28 1.80
C SER A 140 29.97 -3.59 0.43
N LYS A 141 30.88 -4.00 -0.45
CA LYS A 141 30.91 -3.42 -1.80
C LYS A 141 29.72 -3.89 -2.63
N VAL A 142 29.35 -5.17 -2.47
CA VAL A 142 28.27 -5.71 -3.28
C VAL A 142 26.96 -4.99 -2.96
N ILE A 143 26.75 -4.62 -1.69
CA ILE A 143 25.60 -3.80 -1.35
C ILE A 143 25.84 -2.32 -1.74
N GLY A 144 26.86 -1.69 -1.15
CA GLY A 144 27.18 -0.31 -1.54
C GLY A 144 25.98 0.62 -1.52
N ASP A 145 25.81 1.36 -2.62
CA ASP A 145 24.75 2.36 -2.73
C ASP A 145 23.36 1.76 -2.86
N ARG A 146 23.24 0.44 -2.78
CA ARG A 146 21.91 -0.19 -2.76
C ARG A 146 21.22 -0.06 -1.41
N ALA A 147 21.99 0.30 -0.37
CA ALA A 147 21.44 0.49 0.97
C ALA A 147 20.90 1.90 1.13
N PHE A 148 19.77 2.03 1.84
CA PHE A 148 19.15 3.38 2.01
C PHE A 148 19.97 4.31 2.89
N HIS A 149 20.53 3.76 3.98
CA HIS A 149 21.07 4.59 5.06
C HIS A 149 21.79 3.71 6.04
N ARG A 150 22.61 4.33 6.89
CA ARG A 150 23.26 3.64 8.00
C ARG A 150 22.29 3.29 9.14
N ASP A 151 21.36 4.19 9.45
CA ASP A 151 20.56 4.10 10.65
C ASP A 151 19.35 3.17 10.37
N PRO A 152 19.18 2.09 11.16
CA PRO A 152 18.06 1.17 10.90
C PRO A 152 16.67 1.83 11.02
N ARG A 153 16.55 2.90 11.83
CA ARG A 153 15.26 3.60 11.90
C ARG A 153 14.95 4.32 10.59
N VAL A 154 15.99 4.86 9.96
CA VAL A 154 15.84 5.58 8.69
C VAL A 154 15.58 4.58 7.56
N VAL A 155 16.36 3.51 7.54
CA VAL A 155 16.12 2.43 6.57
C VAL A 155 14.65 1.98 6.66
N THR A 156 14.17 1.76 7.88
CA THR A 156 12.78 1.31 8.05
C THR A 156 11.79 2.29 7.44
N LEU A 157 11.90 3.58 7.78
CA LEU A 157 10.85 4.49 7.35
C LEU A 157 10.94 4.83 5.86
N LEU A 158 12.16 4.86 5.30
CA LEU A 158 12.30 5.03 3.86
C LEU A 158 11.77 3.79 3.12
N ALA A 159 12.14 2.58 3.57
CA ALA A 159 11.65 1.36 2.92
C ALA A 159 10.15 1.26 3.07
N LYS A 160 9.62 1.63 4.23
CA LYS A 160 8.18 1.61 4.41
C LYS A 160 7.49 2.51 3.39
N SER A 161 8.03 3.71 3.19
CA SER A 161 7.48 4.66 2.22
C SER A 161 7.56 4.14 0.79
N LEU A 162 8.68 3.49 0.46
CA LEU A 162 8.83 2.85 -0.83
C LEU A 162 7.76 1.77 -1.01
N ASN A 163 7.63 0.92 0.01
CA ASN A 163 6.66 -0.18 -0.03
C ASN A 163 5.23 0.31 -0.13
N HIS A 164 4.95 1.48 0.47
CA HIS A 164 3.64 2.11 0.31
C HIS A 164 3.39 2.45 -1.16
N GLY A 165 4.37 3.04 -1.82
CA GLY A 165 4.27 3.34 -3.26
C GLY A 165 4.02 2.10 -4.10
N LEU A 166 4.75 1.03 -3.80
CA LEU A 166 4.54 -0.24 -4.48
C LEU A 166 3.10 -0.67 -4.29
N SER A 167 2.61 -0.59 -3.05
CA SER A 167 1.23 -1.00 -2.71
C SER A 167 0.16 -0.18 -3.42
N LEU A 168 0.45 1.09 -3.71
CA LEU A 168 -0.53 1.91 -4.44
C LEU A 168 -0.79 1.39 -5.84
N ALA A 169 0.18 0.66 -6.41
CA ALA A 169 -0.03 -0.01 -7.70
C ALA A 169 -0.41 -1.49 -7.55
N GLY A 170 -0.74 -1.92 -6.32
CA GLY A 170 -1.11 -3.30 -6.08
C GLY A 170 0.05 -4.27 -5.98
N MET A 171 1.27 -3.77 -5.80
CA MET A 171 2.47 -4.62 -5.80
C MET A 171 2.96 -4.85 -4.36
N ALA A 172 3.39 -6.08 -4.09
CA ALA A 172 4.03 -6.44 -2.83
C ALA A 172 5.50 -6.00 -2.85
N ASN A 173 6.33 -6.65 -2.03
CA ASN A 173 7.69 -6.19 -1.78
C ASN A 173 8.45 -7.38 -1.20
N CYS A 174 9.76 -7.25 -1.10
CA CYS A 174 10.59 -8.31 -0.55
C CYS A 174 11.86 -7.71 0.03
N GLY A 175 11.95 -7.69 1.36
CA GLY A 175 13.11 -7.15 2.05
C GLY A 175 14.30 -8.09 1.94
N LYS A 176 15.49 -7.54 1.78
CA LYS A 176 16.67 -8.39 1.63
C LYS A 176 17.90 -7.65 2.15
N HIS A 177 18.96 -8.35 2.55
CA HIS A 177 19.13 -9.79 2.56
C HIS A 177 19.21 -10.24 3.99
N PHE A 178 18.15 -10.89 4.48
CA PHE A 178 17.97 -11.15 5.91
C PHE A 178 18.98 -12.19 6.43
N PRO A 179 19.54 -11.99 7.64
CA PRO A 179 19.32 -10.94 8.63
C PRO A 179 20.15 -9.68 8.50
N GLY A 180 20.90 -9.55 7.39
CA GLY A 180 21.63 -8.30 7.13
C GLY A 180 22.91 -8.59 6.39
N HIS A 181 23.06 -8.05 5.20
CA HIS A 181 24.26 -8.21 4.38
C HIS A 181 25.21 -7.03 4.53
N GLY A 182 24.86 -6.04 5.35
CA GLY A 182 25.63 -4.78 5.35
C GLY A 182 26.98 -4.82 6.04
N PHE A 183 27.19 -5.77 6.95
CA PHE A 183 28.36 -5.73 7.80
C PHE A 183 29.51 -6.54 7.25
N ALA A 184 29.17 -7.62 6.56
CA ALA A 184 30.15 -8.60 6.10
C ALA A 184 30.63 -8.26 4.70
N GLU A 185 31.86 -8.63 4.39
CA GLU A 185 32.39 -8.49 3.04
C GLU A 185 33.09 -9.79 2.68
N ALA A 186 32.83 -10.33 1.48
CA ALA A 186 33.49 -11.57 1.06
C ALA A 186 35.01 -11.39 0.83
N ALA A 191 34.20 -18.07 -1.70
CA ALA A 191 33.50 -18.45 -0.47
C ALA A 191 32.54 -17.36 -0.02
N LEU A 192 31.51 -17.76 0.71
CA LEU A 192 30.50 -16.86 1.27
C LEU A 192 31.11 -15.84 2.23
N PRO A 193 30.56 -14.62 2.27
CA PRO A 193 30.95 -13.71 3.34
C PRO A 193 30.61 -14.33 4.69
N THR A 194 31.44 -14.01 5.69
CA THR A 194 31.17 -14.41 7.08
C THR A 194 30.98 -13.16 7.92
N ASP A 195 30.00 -13.20 8.81
CA ASP A 195 29.75 -12.12 9.75
C ASP A 195 29.92 -12.76 11.12
N ASP A 196 30.90 -12.27 11.89
CA ASP A 196 31.27 -12.89 13.17
C ASP A 196 30.69 -12.20 14.39
N ARG A 197 29.66 -11.40 14.20
CA ARG A 197 29.02 -10.70 15.30
C ARG A 197 28.14 -11.61 16.16
N THR A 198 27.84 -11.20 17.39
CA THR A 198 26.94 -11.99 18.21
C THR A 198 25.51 -11.90 17.69
N LEU A 199 24.67 -12.86 18.05
CA LEU A 199 23.26 -12.78 17.70
C LEU A 199 22.64 -11.47 18.21
N ASP A 200 22.94 -11.09 19.46
CA ASP A 200 22.33 -9.89 20.00
C ASP A 200 22.69 -8.64 19.19
N ALA A 201 23.94 -8.54 18.74
CA ALA A 201 24.35 -7.39 17.92
C ALA A 201 23.63 -7.35 16.56
N ILE A 202 23.53 -8.51 15.93
CA ILE A 202 22.81 -8.60 14.65
C ILE A 202 21.34 -8.22 14.81
N LEU A 203 20.71 -8.70 15.89
CA LEU A 203 19.30 -8.42 16.17
C LEU A 203 19.05 -6.95 16.46
N GLU A 204 19.99 -6.29 17.15
CA GLU A 204 19.80 -4.93 17.63
C GLU A 204 19.64 -3.90 16.53
N GLN A 205 20.41 -4.06 15.46
CA GLN A 205 20.42 -3.08 14.39
C GLN A 205 19.94 -3.70 13.06
N ASP A 206 20.66 -4.69 12.55
CA ASP A 206 20.39 -5.18 11.19
C ASP A 206 19.01 -5.80 11.02
N VAL A 207 18.52 -6.49 12.06
CA VAL A 207 17.21 -7.16 11.97
C VAL A 207 16.05 -6.20 12.29
N ALA A 208 16.35 -5.09 12.95
CA ALA A 208 15.31 -4.19 13.44
C ALA A 208 14.34 -3.72 12.34
N PRO A 209 14.82 -3.42 11.11
CA PRO A 209 13.82 -3.01 10.09
C PRO A 209 12.80 -4.09 9.77
N TYR A 210 13.24 -5.34 9.77
CA TYR A 210 12.30 -6.45 9.51
C TYR A 210 11.22 -6.50 10.59
N ASP A 211 11.62 -6.26 11.83
CA ASP A 211 10.71 -6.29 12.95
C ASP A 211 9.78 -5.09 12.93
N TRP A 212 10.32 -3.90 12.69
CA TRP A 212 9.51 -2.69 12.74
C TRP A 212 8.57 -2.56 11.60
N LEU A 213 8.90 -3.10 10.43
CA LEU A 213 7.99 -2.95 9.27
C LEU A 213 6.62 -3.62 9.46
N GLY A 214 6.53 -4.69 10.25
CA GLY A 214 5.24 -5.37 10.44
C GLY A 214 4.62 -5.73 9.10
N LEU A 215 3.33 -5.42 8.95
CA LEU A 215 2.58 -5.82 7.76
C LEU A 215 3.08 -5.15 6.48
N SER A 216 3.89 -4.09 6.62
CA SER A 216 4.47 -3.38 5.51
CA SER A 216 4.40 -3.44 5.43
C SER A 216 5.57 -4.19 4.81
N LEU A 217 5.97 -5.33 5.39
CA LEU A 217 6.97 -6.23 4.82
C LEU A 217 6.25 -7.48 4.34
N ALA A 218 6.33 -7.74 3.04
CA ALA A 218 5.54 -8.83 2.46
C ALA A 218 6.30 -10.14 2.32
N ALA A 219 7.62 -10.06 2.24
CA ALA A 219 8.46 -11.22 1.92
C ALA A 219 9.87 -10.87 2.29
N VAL A 220 10.71 -11.89 2.32
CA VAL A 220 12.14 -11.76 2.60
C VAL A 220 12.94 -12.67 1.67
N ILE A 221 14.13 -12.20 1.25
CA ILE A 221 15.19 -13.07 0.73
C ILE A 221 16.29 -13.12 1.81
N PRO A 222 16.68 -14.35 2.26
CA PRO A 222 17.81 -14.44 3.18
C PRO A 222 19.15 -14.29 2.49
N ALA A 223 20.12 -13.75 3.21
CA ALA A 223 21.47 -13.58 2.69
C ALA A 223 22.22 -14.88 2.53
N HIS A 224 23.03 -14.94 1.45
CA HIS A 224 24.07 -15.96 1.30
C HIS A 224 25.27 -15.49 2.10
N VAL A 225 25.12 -15.52 3.43
CA VAL A 225 26.13 -15.11 4.40
C VAL A 225 26.07 -16.10 5.57
N ILE A 226 27.23 -16.42 6.13
CA ILE A 226 27.28 -17.29 7.30
C ILE A 226 27.55 -16.41 8.49
N TYR A 227 26.65 -16.51 9.47
CA TYR A 227 26.77 -15.74 10.73
C TYR A 227 27.35 -16.71 11.74
N THR A 228 28.69 -16.67 11.85
CA THR A 228 29.47 -17.76 12.47
C THR A 228 29.17 -18.01 13.94
N GLN A 229 28.72 -16.98 14.67
CA GLN A 229 28.36 -17.13 16.08
CA GLN A 229 28.36 -17.11 16.10
C GLN A 229 26.91 -17.58 16.31
N VAL A 230 26.15 -17.71 15.22
CA VAL A 230 24.72 -18.06 15.32
C VAL A 230 24.40 -19.41 14.71
N ASP A 231 24.93 -19.68 13.52
CA ASP A 231 24.67 -20.96 12.83
C ASP A 231 25.73 -21.12 11.74
N LYS A 232 26.28 -22.33 11.59
CA LYS A 232 27.23 -22.57 10.51
C LYS A 232 26.56 -22.63 9.13
N ARG A 233 25.24 -22.73 9.09
CA ARG A 233 24.53 -22.72 7.80
C ARG A 233 24.32 -21.29 7.31
N PRO A 234 24.50 -21.03 6.00
CA PRO A 234 24.10 -19.70 5.47
C PRO A 234 22.62 -19.49 5.75
N ALA A 235 22.19 -18.22 5.81
CA ALA A 235 20.86 -17.89 6.30
C ALA A 235 19.69 -18.59 5.61
N GLY A 236 19.76 -18.75 4.27
CA GLY A 236 18.66 -19.40 3.55
C GLY A 236 18.56 -20.91 3.78
N PHE A 237 19.55 -21.49 4.45
CA PHE A 237 19.62 -22.90 4.78
C PHE A 237 19.61 -23.11 6.28
N SER A 238 19.25 -22.06 7.02
CA SER A 238 19.32 -22.05 8.48
C SER A 238 17.93 -22.05 9.10
N ARG A 239 17.58 -23.15 9.76
CA ARG A 239 16.33 -23.17 10.51
C ARG A 239 16.35 -22.15 11.67
N VAL A 240 17.53 -21.93 12.27
CA VAL A 240 17.68 -20.88 13.28
C VAL A 240 17.26 -19.52 12.74
N TRP A 241 17.84 -19.10 11.61
CA TRP A 241 17.46 -17.78 11.10
C TRP A 241 16.02 -17.73 10.61
N LEU A 242 15.57 -18.75 9.88
CA LEU A 242 14.28 -18.63 9.19
C LEU A 242 13.12 -18.95 10.12
N GLN A 243 13.29 -19.97 10.95
CA GLN A 243 12.21 -20.31 11.86
CA GLN A 243 12.22 -20.39 11.89
C GLN A 243 12.35 -19.70 13.24
N ASP A 244 13.48 -19.91 13.93
CA ASP A 244 13.59 -19.40 15.30
C ASP A 244 13.54 -17.89 15.35
N ILE A 245 14.23 -17.22 14.43
CA ILE A 245 14.28 -15.76 14.46
C ILE A 245 13.13 -15.13 13.65
N LEU A 246 13.03 -15.45 12.34
CA LEU A 246 12.09 -14.74 11.49
C LEU A 246 10.64 -15.13 11.74
N ARG A 247 10.33 -16.43 11.68
CA ARG A 247 8.95 -16.86 11.94
C ARG A 247 8.62 -16.80 13.43
N GLY A 248 9.60 -17.07 14.30
CA GLY A 248 9.32 -17.24 15.73
C GLY A 248 9.39 -15.93 16.47
N LYS A 249 10.60 -15.43 16.70
CA LYS A 249 10.78 -14.15 17.41
C LYS A 249 10.03 -12.98 16.76
N LEU A 250 10.09 -12.89 15.44
CA LEU A 250 9.49 -11.75 14.72
C LEU A 250 8.03 -12.01 14.32
N GLY A 251 7.59 -13.26 14.39
CA GLY A 251 6.22 -13.59 14.01
C GLY A 251 5.92 -13.31 12.53
N PHE A 252 6.94 -13.38 11.68
CA PHE A 252 6.74 -13.05 10.27
C PHE A 252 5.90 -14.10 9.55
N THR A 253 4.95 -13.65 8.74
CA THR A 253 3.98 -14.51 8.08
C THR A 253 4.03 -14.44 6.55
N GLY A 254 4.98 -13.67 6.01
CA GLY A 254 5.11 -13.48 4.57
C GLY A 254 5.98 -14.55 3.92
N ALA A 255 6.13 -14.43 2.61
CA ALA A 255 6.89 -15.43 1.85
C ALA A 255 8.39 -15.29 2.09
N ILE A 256 9.09 -16.42 2.04
CA ILE A 256 10.56 -16.42 2.08
C ILE A 256 11.08 -17.01 0.78
N PHE A 257 11.87 -16.24 0.04
CA PHE A 257 12.49 -16.68 -1.23
C PHE A 257 14.00 -16.89 -1.00
N SER A 258 14.53 -18.06 -1.38
CA SER A 258 15.99 -18.21 -1.27
C SER A 258 16.64 -17.25 -2.25
N ASP A 259 17.88 -16.85 -1.94
CA ASP A 259 18.70 -16.22 -2.98
C ASP A 259 19.12 -17.33 -3.96
N ASP A 260 19.71 -16.94 -5.08
CA ASP A 260 19.99 -17.84 -6.19
C ASP A 260 20.81 -19.06 -5.76
N LEU A 261 20.28 -20.25 -6.00
CA LEU A 261 20.99 -21.46 -5.62
C LEU A 261 22.13 -21.77 -6.56
N SER A 262 22.19 -21.04 -7.66
CA SER A 262 23.32 -21.14 -8.59
C SER A 262 24.64 -20.61 -8.01
N MET A 263 24.57 -19.86 -6.92
N MET A 263 24.57 -19.86 -6.91
CA MET A 263 25.77 -19.42 -6.20
CA MET A 263 25.77 -19.43 -6.19
C MET A 263 26.40 -20.63 -5.53
C MET A 263 26.39 -20.65 -5.53
N GLU A 264 27.40 -21.22 -6.17
CA GLU A 264 27.96 -22.50 -5.73
C GLU A 264 28.33 -22.61 -4.26
N ALA A 265 29.05 -21.62 -3.74
CA ALA A 265 29.50 -21.68 -2.35
C ALA A 265 28.36 -21.79 -1.34
N ALA A 266 27.20 -21.21 -1.66
CA ALA A 266 26.06 -21.25 -0.78
C ALA A 266 25.55 -22.67 -0.53
N ARG A 267 25.79 -23.56 -1.49
CA ARG A 267 25.30 -24.94 -1.42
C ARG A 267 26.17 -25.84 -0.52
N GLU A 268 27.33 -25.36 -0.08
CA GLU A 268 28.23 -26.11 0.82
C GLU A 268 28.44 -27.53 0.30
N GLY A 269 28.72 -27.61 -1.01
CA GLY A 269 29.10 -28.87 -1.66
C GLY A 269 27.94 -29.64 -2.26
N GLY A 270 26.72 -29.28 -1.88
CA GLY A 270 25.52 -29.96 -2.36
C GLY A 270 25.20 -29.66 -3.81
N THR A 271 24.44 -30.56 -4.42
CA THR A 271 23.88 -30.29 -5.76
C THR A 271 22.78 -29.24 -5.66
N LEU A 272 22.33 -28.76 -6.82
CA LEU A 272 21.21 -27.83 -6.81
C LEU A 272 20.00 -28.45 -6.15
N THR A 273 19.71 -29.73 -6.40
CA THR A 273 18.52 -30.34 -5.81
C THR A 273 18.68 -30.47 -4.29
N GLN A 274 19.86 -30.87 -3.83
CA GLN A 274 20.06 -31.00 -2.38
C GLN A 274 19.94 -29.65 -1.70
N ALA A 275 20.48 -28.60 -2.31
CA ALA A 275 20.39 -27.27 -1.74
C ALA A 275 18.94 -26.77 -1.74
N ALA A 276 18.18 -27.04 -2.81
CA ALA A 276 16.77 -26.65 -2.84
C ALA A 276 16.02 -27.33 -1.69
N ASP A 277 16.24 -28.64 -1.53
CA ASP A 277 15.60 -29.35 -0.43
C ASP A 277 15.97 -28.80 0.93
N ALA A 278 17.24 -28.44 1.09
CA ALA A 278 17.71 -27.91 2.37
C ALA A 278 17.11 -26.53 2.65
N ALA A 279 17.03 -25.68 1.63
CA ALA A 279 16.45 -24.35 1.80
C ALA A 279 14.96 -24.43 2.15
N LEU A 280 14.23 -25.33 1.48
CA LEU A 280 12.81 -25.51 1.78
C LEU A 280 12.64 -26.09 3.19
N ALA A 281 13.47 -27.08 3.55
CA ALA A 281 13.38 -27.63 4.91
C ALA A 281 13.67 -26.56 6.00
N ALA A 282 14.60 -25.64 5.73
CA ALA A 282 14.93 -24.61 6.71
C ALA A 282 13.81 -23.57 6.86
N GLY A 283 13.03 -23.38 5.80
CA GLY A 283 11.90 -22.46 5.86
C GLY A 283 11.64 -21.59 4.64
N CYS A 284 12.44 -21.70 3.58
CA CYS A 284 12.08 -20.98 2.36
C CYS A 284 10.75 -21.52 1.83
N ASP A 285 9.91 -20.64 1.30
CA ASP A 285 8.73 -21.03 0.57
C ASP A 285 9.01 -21.27 -0.90
N MET A 286 9.99 -20.55 -1.45
CA MET A 286 10.33 -20.69 -2.86
C MET A 286 11.82 -20.63 -2.93
N VAL A 287 12.40 -21.36 -3.88
CA VAL A 287 13.84 -21.31 -4.13
C VAL A 287 14.08 -20.82 -5.56
N LEU A 288 15.15 -20.05 -5.73
CA LEU A 288 15.51 -19.47 -7.02
C LEU A 288 16.62 -20.28 -7.64
N VAL A 289 16.43 -20.68 -8.90
CA VAL A 289 17.53 -21.27 -9.67
C VAL A 289 17.66 -20.48 -10.96
N CYS A 290 18.69 -19.66 -11.04
CA CYS A 290 18.82 -18.70 -12.12
C CYS A 290 19.88 -19.10 -13.14
N ASN A 291 19.61 -18.75 -14.38
CA ASN A 291 20.59 -18.83 -15.48
C ASN A 291 21.01 -20.25 -15.86
N GLN A 292 20.19 -21.24 -15.51
CA GLN A 292 20.46 -22.61 -15.94
C GLN A 292 19.18 -23.44 -15.97
N PRO A 293 18.32 -23.17 -16.96
CA PRO A 293 16.98 -23.78 -16.89
C PRO A 293 16.95 -25.31 -16.98
N ASP A 294 17.89 -25.93 -17.69
CA ASP A 294 17.93 -27.38 -17.72
C ASP A 294 18.29 -27.94 -16.35
N ALA A 295 19.22 -27.28 -15.66
CA ALA A 295 19.56 -27.69 -14.30
C ALA A 295 18.40 -27.41 -13.35
N ALA A 296 17.68 -26.31 -13.57
CA ALA A 296 16.44 -26.08 -12.82
C ALA A 296 15.42 -27.22 -13.03
N GLU A 297 15.37 -27.75 -14.25
CA GLU A 297 14.42 -28.83 -14.57
C GLU A 297 14.80 -30.12 -13.84
N VAL A 298 16.11 -30.36 -13.66
CA VAL A 298 16.57 -31.47 -12.83
C VAL A 298 16.04 -31.29 -11.40
N VAL A 299 16.11 -30.05 -10.89
CA VAL A 299 15.56 -29.73 -9.56
C VAL A 299 14.06 -30.01 -9.54
N LEU A 300 13.31 -29.52 -10.52
CA LEU A 300 11.85 -29.76 -10.56
C LEU A 300 11.50 -31.24 -10.41
N ASN A 301 12.27 -32.08 -11.09
CA ASN A 301 11.99 -33.50 -11.14
C ASN A 301 12.62 -34.31 -10.02
N GLY A 302 13.58 -33.72 -9.30
CA GLY A 302 14.28 -34.43 -8.23
C GLY A 302 13.91 -34.01 -6.81
N LEU A 303 13.24 -32.86 -6.69
CA LEU A 303 12.94 -32.29 -5.38
C LEU A 303 12.18 -33.29 -4.52
N LYS A 304 12.57 -33.43 -3.25
CA LYS A 304 11.88 -34.35 -2.32
C LYS A 304 10.59 -33.70 -1.81
N ALA A 305 10.69 -32.40 -1.54
CA ALA A 305 9.60 -31.61 -0.96
C ALA A 305 8.44 -31.41 -1.93
N SER A 308 3.72 -27.44 0.00
CA SER A 308 3.18 -27.13 1.32
C SER A 308 2.03 -26.14 1.24
N ALA A 309 0.89 -26.50 1.84
CA ALA A 309 -0.30 -25.62 1.84
C ALA A 309 0.02 -24.24 2.42
N GLU A 310 0.78 -24.21 3.51
CA GLU A 310 1.15 -22.96 4.15
C GLU A 310 2.03 -22.12 3.22
N SER A 311 2.97 -22.75 2.52
CA SER A 311 3.82 -22.00 1.58
C SER A 311 3.00 -21.48 0.41
N VAL A 312 2.07 -22.31 -0.08
CA VAL A 312 1.22 -21.93 -1.21
C VAL A 312 0.42 -20.67 -0.91
N ARG A 313 -0.16 -20.58 0.28
CA ARG A 313 -0.85 -19.35 0.69
C ARG A 313 0.06 -18.13 0.58
N ARG A 314 1.28 -18.27 1.09
CA ARG A 314 2.22 -17.15 1.10
C ARG A 314 2.66 -16.76 -0.32
N ILE A 315 2.88 -17.77 -1.17
CA ILE A 315 3.28 -17.52 -2.55
CA ILE A 315 3.27 -17.50 -2.54
C ILE A 315 2.13 -16.81 -3.31
N LYS A 316 0.90 -17.28 -3.12
CA LYS A 316 -0.24 -16.68 -3.81
C LYS A 316 -0.41 -15.21 -3.44
N ARG A 317 -0.10 -14.87 -2.19
CA ARG A 317 -0.21 -13.49 -1.70
C ARG A 317 0.85 -12.57 -2.28
N MET A 318 1.82 -13.10 -3.02
CA MET A 318 2.81 -12.24 -3.70
C MET A 318 2.37 -11.79 -5.10
N ARG A 319 1.28 -12.35 -5.63
CA ARG A 319 0.75 -11.89 -6.90
C ARG A 319 0.27 -10.46 -6.79
N ALA A 320 0.43 -9.69 -7.86
CA ALA A 320 -0.04 -8.31 -7.81
C ALA A 320 -1.58 -8.31 -7.66
N ARG A 321 -2.08 -7.27 -7.02
CA ARG A 321 -3.49 -7.19 -6.65
C ARG A 321 -4.25 -6.20 -7.52
N GLY A 322 -5.48 -6.58 -7.88
CA GLY A 322 -6.33 -5.71 -8.67
C GLY A 322 -5.86 -5.52 -10.10
N LYS A 323 -6.47 -4.57 -10.80
CA LYS A 323 -6.18 -4.32 -12.18
C LYS A 323 -5.02 -3.33 -12.28
N ALA A 324 -4.28 -3.41 -13.36
CA ALA A 324 -3.23 -2.44 -13.61
C ALA A 324 -3.45 -1.75 -14.93
N LEU A 325 -2.99 -0.51 -15.03
CA LEU A 325 -3.02 0.23 -16.27
C LEU A 325 -1.97 -0.30 -17.21
N LYS A 326 -2.35 -0.48 -18.46
CA LYS A 326 -1.39 -0.74 -19.51
C LYS A 326 -0.65 0.55 -19.79
N TRP A 327 0.45 0.44 -20.51
CA TRP A 327 1.26 1.60 -20.78
C TRP A 327 0.49 2.70 -21.45
N ASP A 328 -0.39 2.34 -22.38
CA ASP A 328 -1.07 3.33 -23.18
C ASP A 328 -2.03 4.18 -22.33
N LYS A 329 -2.38 3.70 -21.13
CA LYS A 329 -3.09 4.52 -20.14
C LYS A 329 -2.17 5.10 -19.07
N LEU A 330 -1.16 4.35 -18.64
CA LEU A 330 -0.25 4.83 -17.60
C LEU A 330 0.43 6.14 -18.00
N ILE A 331 0.80 6.23 -19.27
CA ILE A 331 1.52 7.39 -19.82
C ILE A 331 0.73 8.68 -19.75
N ALA A 332 -0.59 8.56 -19.60
CA ALA A 332 -1.46 9.72 -19.48
C ALA A 332 -1.99 9.93 -18.06
N GLN A 333 -1.58 9.11 -17.09
CA GLN A 333 -2.21 9.20 -15.77
C GLN A 333 -1.67 10.30 -14.88
N PRO A 334 -2.55 11.14 -14.30
CA PRO A 334 -2.05 12.25 -13.49
C PRO A 334 -1.14 11.85 -12.31
N GLU A 335 -1.45 10.78 -11.59
CA GLU A 335 -0.57 10.33 -10.50
C GLU A 335 0.83 9.94 -10.97
N TYR A 336 0.90 9.16 -12.04
CA TYR A 336 2.18 8.80 -12.66
C TYR A 336 2.95 10.05 -13.06
N LEU A 337 2.27 10.99 -13.74
CA LEU A 337 2.94 12.19 -14.19
C LEU A 337 3.42 13.04 -13.02
N GLN A 338 2.61 13.11 -11.95
CA GLN A 338 2.98 13.84 -10.72
C GLN A 338 4.23 13.21 -10.08
N ALA A 339 4.24 11.89 -9.99
CA ALA A 339 5.39 11.19 -9.44
C ALA A 339 6.66 11.45 -10.23
N GLN A 340 6.56 11.47 -11.55
CA GLN A 340 7.71 11.73 -12.43
C GLN A 340 8.26 13.12 -12.19
N ALA A 341 7.37 14.10 -12.06
CA ALA A 341 7.78 15.49 -11.85
C ALA A 341 8.50 15.63 -10.50
N LEU A 342 7.97 14.96 -9.48
CA LEU A 342 8.61 14.96 -8.17
C LEU A 342 10.01 14.36 -8.19
N LEU A 343 10.17 13.20 -8.82
CA LEU A 343 11.48 12.55 -8.92
CA LEU A 343 11.48 12.56 -8.93
C LEU A 343 12.49 13.51 -9.55
N SER A 344 12.08 14.17 -10.63
CA SER A 344 12.96 15.08 -11.37
C SER A 344 13.40 16.26 -10.51
N SER A 345 12.45 16.82 -9.77
CA SER A 345 12.71 18.03 -9.00
CA SER A 345 12.66 18.02 -8.97
C SER A 345 13.48 17.76 -7.70
N ALA A 346 13.12 16.69 -6.99
CA ALA A 346 13.67 16.46 -5.67
C ALA A 346 15.05 15.84 -5.67
N LEU A 347 15.40 15.18 -6.77
CA LEU A 347 16.72 14.58 -6.88
C LEU A 347 17.62 15.37 -7.80
N THR B 10 -21.88 5.28 -15.76
CA THR B 10 -20.78 6.02 -15.06
C THR B 10 -21.29 6.69 -13.79
N PRO B 11 -20.44 6.77 -12.75
CA PRO B 11 -20.93 7.30 -11.48
C PRO B 11 -21.23 8.78 -11.55
N GLY B 12 -22.33 9.15 -10.90
CA GLY B 12 -22.73 10.53 -10.80
C GLY B 12 -22.00 11.20 -9.65
N PRO B 13 -22.28 12.49 -9.43
CA PRO B 13 -21.53 13.22 -8.42
C PRO B 13 -22.15 13.24 -7.02
N VAL B 14 -23.32 12.63 -6.83
CA VAL B 14 -24.00 12.73 -5.55
C VAL B 14 -23.81 11.46 -4.72
N MET B 15 -23.35 11.65 -3.49
CA MET B 15 -23.33 10.59 -2.46
C MET B 15 -24.42 10.87 -1.42
N LEU B 16 -25.31 9.92 -1.23
CA LEU B 16 -26.44 10.07 -0.29
CA LEU B 16 -26.43 10.07 -0.30
C LEU B 16 -26.56 8.83 0.56
N ASP B 17 -27.41 8.88 1.58
CA ASP B 17 -27.65 7.70 2.40
C ASP B 17 -28.93 7.00 1.96
N VAL B 18 -29.00 5.71 2.24
CA VAL B 18 -30.24 4.98 2.08
C VAL B 18 -31.07 5.16 3.35
N VAL B 19 -32.36 4.84 3.28
CA VAL B 19 -33.21 5.10 4.42
C VAL B 19 -32.88 4.24 5.64
N GLY B 20 -32.69 2.94 5.45
CA GLY B 20 -32.65 2.05 6.60
C GLY B 20 -31.82 0.81 6.40
N THR B 21 -32.10 -0.21 7.19
CA THR B 21 -31.30 -1.43 7.20
C THR B 21 -31.57 -2.39 6.05
N THR B 22 -32.72 -2.24 5.38
CA THR B 22 -33.05 -2.97 4.15
CA THR B 22 -32.98 -2.94 4.12
C THR B 22 -33.38 -1.93 3.07
N LEU B 23 -32.89 -2.14 1.87
CA LEU B 23 -33.17 -1.23 0.77
C LEU B 23 -34.66 -1.13 0.48
N SER B 24 -35.12 0.09 0.25
CA SER B 24 -36.52 0.29 -0.12
C SER B 24 -36.63 0.62 -1.60
N ARG B 25 -37.86 0.59 -2.13
CA ARG B 25 -38.11 0.95 -3.51
C ARG B 25 -37.67 2.39 -3.79
N ASP B 26 -37.90 3.28 -2.83
CA ASP B 26 -37.46 4.68 -3.00
C ASP B 26 -35.93 4.77 -3.07
N ASP B 27 -35.25 4.01 -2.21
CA ASP B 27 -33.79 3.97 -2.31
C ASP B 27 -33.35 3.50 -3.68
N ALA B 28 -33.97 2.42 -4.17
CA ALA B 28 -33.59 1.84 -5.47
C ALA B 28 -33.77 2.86 -6.59
N ARG B 29 -34.86 3.61 -6.56
CA ARG B 29 -35.10 4.64 -7.56
C ARG B 29 -34.00 5.72 -7.54
N ARG B 30 -33.60 6.13 -6.32
CA ARG B 30 -32.49 7.09 -6.19
C ARG B 30 -31.13 6.54 -6.65
N LEU B 31 -30.85 5.27 -6.32
CA LEU B 31 -29.58 4.64 -6.67
C LEU B 31 -29.39 4.52 -8.18
N ALA B 32 -30.51 4.39 -8.92
CA ALA B 32 -30.49 4.24 -10.36
C ALA B 32 -30.38 5.57 -11.10
N HIS B 33 -30.51 6.68 -10.38
CA HIS B 33 -30.44 7.99 -11.00
C HIS B 33 -29.07 8.24 -11.53
N PRO B 34 -28.94 8.76 -12.78
CA PRO B 34 -27.60 8.97 -13.33
C PRO B 34 -26.72 9.86 -12.47
N ASN B 35 -27.31 10.79 -11.73
CA ASN B 35 -26.53 11.66 -10.88
C ASN B 35 -26.07 11.07 -9.53
N THR B 36 -26.47 9.85 -9.21
CA THR B 36 -25.96 9.19 -8.00
C THR B 36 -24.60 8.54 -8.30
N GLY B 37 -23.63 8.75 -7.40
CA GLY B 37 -22.36 8.07 -7.50
C GLY B 37 -21.95 7.32 -6.24
N GLY B 38 -22.63 7.56 -5.12
CA GLY B 38 -22.21 6.96 -3.85
C GLY B 38 -23.28 6.82 -2.82
N VAL B 39 -23.01 5.96 -1.83
CA VAL B 39 -23.81 5.82 -0.62
C VAL B 39 -22.87 6.01 0.57
N ILE B 40 -23.28 6.82 1.54
CA ILE B 40 -22.64 6.88 2.83
C ILE B 40 -23.54 6.20 3.85
N LEU B 41 -22.91 5.37 4.70
CA LEU B 41 -23.58 4.61 5.74
C LEU B 41 -23.34 5.26 7.09
N PHE B 42 -24.35 5.17 7.96
CA PHE B 42 -24.27 5.64 9.34
C PHE B 42 -24.56 4.49 10.33
N ALA B 43 -24.51 4.78 11.63
CA ALA B 43 -24.73 3.73 12.65
C ALA B 43 -26.11 3.11 12.50
N ARG B 44 -27.11 3.90 12.07
CA ARG B 44 -28.48 3.41 11.93
CA ARG B 44 -28.46 3.39 11.95
C ARG B 44 -28.61 2.33 10.85
N HIS B 45 -27.63 2.28 9.96
CA HIS B 45 -27.64 1.27 8.91
C HIS B 45 -27.07 -0.04 9.32
N PHE B 46 -26.65 -0.15 10.58
CA PHE B 46 -25.98 -1.35 11.04
C PHE B 46 -26.72 -2.03 12.19
N GLN B 47 -27.24 -3.22 11.92
CA GLN B 47 -27.82 -4.07 12.95
C GLN B 47 -26.84 -5.20 13.29
N ASN B 48 -26.32 -5.85 12.26
CA ASN B 48 -25.32 -6.91 12.39
C ASN B 48 -24.67 -7.13 11.02
N ARG B 49 -23.61 -7.94 10.99
CA ARG B 49 -22.84 -8.11 9.76
C ARG B 49 -23.65 -8.73 8.64
N ALA B 50 -24.48 -9.73 8.94
CA ALA B 50 -25.30 -10.36 7.91
C ALA B 50 -26.23 -9.34 7.24
N GLN B 51 -26.85 -8.49 8.07
CA GLN B 51 -27.76 -7.48 7.57
C GLN B 51 -26.99 -6.45 6.75
N LEU B 52 -25.84 -6.03 7.27
CA LEU B 52 -25.02 -5.02 6.57
C LEU B 52 -24.53 -5.54 5.21
N THR B 53 -24.05 -6.77 5.19
CA THR B 53 -23.54 -7.33 3.94
C THR B 53 -24.68 -7.53 2.94
N ALA B 54 -25.86 -7.96 3.39
CA ALA B 54 -27.03 -8.01 2.52
C ALA B 54 -27.38 -6.62 1.98
N LEU B 55 -27.24 -5.60 2.81
CA LEU B 55 -27.53 -4.22 2.40
C LEU B 55 -26.58 -3.74 1.32
N THR B 56 -25.26 -3.87 1.55
CA THR B 56 -24.30 -3.42 0.54
C THR B 56 -24.42 -4.27 -0.75
N ASP B 57 -24.67 -5.57 -0.62
CA ASP B 57 -24.93 -6.40 -1.82
C ASP B 57 -26.13 -5.86 -2.60
N SER B 58 -27.19 -5.47 -1.89
CA SER B 58 -28.43 -5.05 -2.55
C SER B 58 -28.23 -3.69 -3.25
N ILE B 59 -27.41 -2.83 -2.66
CA ILE B 59 -27.04 -1.55 -3.23
C ILE B 59 -26.27 -1.74 -4.55
N ARG B 60 -25.25 -2.59 -4.52
CA ARG B 60 -24.48 -2.86 -5.74
C ARG B 60 -25.32 -3.58 -6.81
N ALA B 61 -26.32 -4.34 -6.39
CA ALA B 61 -27.20 -5.00 -7.35
C ALA B 61 -28.05 -4.01 -8.14
N VAL B 62 -28.40 -2.88 -7.53
CA VAL B 62 -29.10 -1.82 -8.24
C VAL B 62 -28.12 -1.02 -9.12
N ARG B 63 -26.98 -0.65 -8.54
CA ARG B 63 -26.02 0.23 -9.20
C ARG B 63 -24.62 -0.36 -9.07
N GLU B 64 -24.19 -1.06 -10.11
CA GLU B 64 -22.91 -1.77 -10.10
C GLU B 64 -21.69 -0.88 -9.85
N ASP B 65 -21.75 0.37 -10.30
CA ASP B 65 -20.59 1.27 -10.21
C ASP B 65 -20.61 2.21 -8.99
N ILE B 66 -21.50 1.93 -8.05
CA ILE B 66 -21.62 2.71 -6.80
C ILE B 66 -20.37 2.66 -5.89
N LEU B 67 -20.06 3.80 -5.23
CA LEU B 67 -19.05 3.86 -4.18
C LEU B 67 -19.74 3.84 -2.82
N ILE B 68 -19.35 2.90 -1.95
CA ILE B 68 -19.97 2.80 -0.62
C ILE B 68 -18.94 3.20 0.46
N ALA B 69 -19.27 4.24 1.23
CA ALA B 69 -18.37 4.85 2.20
C ALA B 69 -18.97 4.86 3.62
N VAL B 70 -18.12 5.10 4.62
CA VAL B 70 -18.52 5.19 6.03
C VAL B 70 -17.50 6.01 6.81
N ASP B 71 -17.92 6.64 7.90
CA ASP B 71 -16.96 7.29 8.79
C ASP B 71 -16.42 6.28 9.82
N HIS B 72 -15.29 5.64 9.49
CA HIS B 72 -14.57 4.80 10.45
C HIS B 72 -13.23 5.39 10.73
N GLU B 73 -13.17 6.24 11.76
CA GLU B 73 -11.90 6.80 12.21
C GLU B 73 -11.29 6.00 13.36
N GLY B 74 -12.13 5.47 14.24
CA GLY B 74 -11.67 4.95 15.52
C GLY B 74 -12.11 5.91 16.61
N GLY B 75 -12.04 5.44 17.86
CA GLY B 75 -12.44 6.27 19.01
C GLY B 75 -13.87 6.74 18.92
N ARG B 76 -14.05 8.06 18.92
CA ARG B 76 -15.38 8.67 18.95
C ARG B 76 -16.14 8.56 17.63
N VAL B 77 -15.45 8.29 16.53
CA VAL B 77 -16.12 8.19 15.22
C VAL B 77 -15.87 6.82 14.62
N GLN B 78 -16.82 5.93 14.87
CA GLN B 78 -16.79 4.57 14.32
C GLN B 78 -18.21 4.04 14.32
N ARG B 79 -18.82 3.98 13.15
CA ARG B 79 -20.25 3.65 13.07
C ARG B 79 -20.56 2.21 13.47
N PHE B 80 -19.68 1.27 13.11
CA PHE B 80 -19.94 -0.16 13.35
C PHE B 80 -18.96 -0.66 14.42
N ARG B 81 -19.51 -1.05 15.58
CA ARG B 81 -18.70 -1.36 16.77
CA ARG B 81 -18.69 -1.37 16.76
C ARG B 81 -19.04 -2.71 17.40
N THR B 82 -19.95 -3.45 16.77
CA THR B 82 -20.46 -4.68 17.38
C THR B 82 -20.45 -5.80 16.37
N ASP B 83 -20.91 -6.98 16.79
CA ASP B 83 -20.99 -8.17 15.97
C ASP B 83 -19.67 -8.55 15.32
N GLY B 84 -18.57 -8.30 16.04
CA GLY B 84 -17.26 -8.71 15.55
C GLY B 84 -16.36 -7.57 15.10
N PHE B 85 -16.95 -6.42 14.77
CA PHE B 85 -16.13 -5.25 14.46
C PHE B 85 -15.19 -4.92 15.61
N THR B 86 -13.95 -4.65 15.28
CA THR B 86 -12.97 -4.26 16.27
C THR B 86 -13.14 -2.79 16.62
N VAL B 87 -13.29 -2.51 17.92
CA VAL B 87 -13.35 -1.15 18.39
C VAL B 87 -11.93 -0.60 18.34
N LEU B 88 -11.74 0.40 17.47
CA LEU B 88 -10.43 0.94 17.18
C LEU B 88 -10.13 2.12 18.09
N PRO B 89 -8.84 2.40 18.35
CA PRO B 89 -8.48 3.50 19.25
C PRO B 89 -8.77 4.86 18.62
N ALA B 90 -8.97 5.89 19.45
CA ALA B 90 -8.92 7.27 18.94
C ALA B 90 -7.54 7.51 18.34
N MET B 91 -7.47 8.28 17.25
CA MET B 91 -6.17 8.56 16.64
C MET B 91 -5.17 9.23 17.59
N ARG B 92 -5.66 9.97 18.58
CA ARG B 92 -4.76 10.56 19.58
C ARG B 92 -3.89 9.52 20.26
N ARG B 93 -4.43 8.32 20.47
CA ARG B 93 -3.67 7.25 21.11
C ARG B 93 -2.40 6.89 20.33
N LEU B 94 -2.47 6.99 19.01
CA LEU B 94 -1.31 6.69 18.16
C LEU B 94 -0.24 7.77 18.27
N GLY B 95 -0.67 9.03 18.38
CA GLY B 95 0.24 10.15 18.65
C GLY B 95 0.91 10.01 20.01
N GLU B 96 0.16 9.56 21.01
CA GLU B 96 0.72 9.32 22.34
C GLU B 96 1.76 8.20 22.30
N LEU B 97 1.45 7.12 21.58
CA LEU B 97 2.39 6.03 21.42
C LEU B 97 3.65 6.52 20.70
N TRP B 98 3.48 7.36 19.68
CA TRP B 98 4.61 7.96 18.94
C TRP B 98 5.55 8.68 19.87
N ASP B 99 5.00 9.43 20.84
CA ASP B 99 5.83 10.16 21.81
C ASP B 99 6.65 9.23 22.70
N ARG B 100 6.21 7.97 22.81
CA ARG B 100 6.93 6.94 23.56
C ARG B 100 7.92 6.15 22.70
N ASP B 101 7.53 5.83 21.46
CA ASP B 101 8.32 4.95 20.59
C ASP B 101 7.80 5.18 19.17
N VAL B 102 8.57 5.95 18.41
CA VAL B 102 8.19 6.36 17.06
C VAL B 102 7.98 5.15 16.15
N LEU B 103 8.95 4.25 16.13
CA LEU B 103 8.90 3.12 15.21
C LEU B 103 7.75 2.17 15.53
N LEU B 104 7.55 1.86 16.80
CA LEU B 104 6.42 1.03 17.19
C LEU B 104 5.10 1.67 16.78
N ALA B 105 4.98 2.98 16.99
CA ALA B 105 3.75 3.69 16.63
C ALA B 105 3.42 3.54 15.14
N THR B 106 4.45 3.63 14.29
CA THR B 106 4.22 3.48 12.85
C THR B 106 3.74 2.07 12.54
N LYS B 107 4.28 1.07 13.23
CA LYS B 107 3.90 -0.34 13.00
C LYS B 107 2.44 -0.53 13.43
N VAL B 108 2.08 0.06 14.57
CA VAL B 108 0.73 -0.08 15.12
C VAL B 108 -0.27 0.66 14.23
N ALA B 109 0.10 1.83 13.70
CA ALA B 109 -0.79 2.57 12.84
C ALA B 109 -1.16 1.75 11.59
N THR B 110 -0.18 1.03 11.04
CA THR B 110 -0.44 0.20 9.88
C THR B 110 -1.35 -0.98 10.26
N ALA B 111 -1.14 -1.61 11.43
CA ALA B 111 -2.02 -2.67 11.88
C ALA B 111 -3.46 -2.17 12.07
N VAL B 112 -3.63 -0.97 12.65
CA VAL B 112 -4.95 -0.37 12.80
C VAL B 112 -5.62 -0.16 11.43
N GLY B 113 -4.89 0.40 10.47
CA GLY B 113 -5.45 0.63 9.13
C GLY B 113 -5.83 -0.66 8.44
N TYR B 114 -4.99 -1.68 8.59
CA TYR B 114 -5.31 -2.97 7.98
C TYR B 114 -6.59 -3.59 8.56
N ILE B 115 -6.71 -3.59 9.88
CA ILE B 115 -7.91 -4.09 10.54
C ILE B 115 -9.15 -3.31 10.09
N LEU B 116 -9.02 -2.00 10.13
CA LEU B 116 -10.11 -1.10 9.79
C LEU B 116 -10.62 -1.43 8.39
N ALA B 117 -9.73 -1.43 7.42
CA ALA B 117 -10.12 -1.63 6.03
C ALA B 117 -10.59 -3.05 5.81
N ALA B 118 -9.89 -4.05 6.35
CA ALA B 118 -10.24 -5.43 6.06
C ALA B 118 -11.65 -5.78 6.57
N GLU B 119 -11.98 -5.28 7.76
CA GLU B 119 -13.33 -5.56 8.31
C GLU B 119 -14.40 -4.89 7.46
N LEU B 120 -14.16 -3.66 7.03
CA LEU B 120 -15.11 -3.00 6.15
C LEU B 120 -15.26 -3.71 4.79
N ARG B 121 -14.14 -4.14 4.21
CA ARG B 121 -14.16 -4.86 2.91
C ARG B 121 -14.96 -6.13 3.06
N ALA B 122 -14.85 -6.81 4.21
CA ALA B 122 -15.58 -8.07 4.45
C ALA B 122 -17.09 -7.86 4.36
N CYS B 123 -17.54 -6.63 4.63
CA CYS B 123 -18.95 -6.29 4.59
C CYS B 123 -19.34 -5.50 3.35
N GLY B 124 -18.43 -5.43 2.38
CA GLY B 124 -18.76 -4.86 1.07
C GLY B 124 -18.73 -3.34 0.97
N ILE B 125 -17.90 -2.71 1.80
CA ILE B 125 -17.75 -1.26 1.83
C ILE B 125 -16.46 -0.90 1.13
N ASP B 126 -16.48 0.16 0.32
CA ASP B 126 -15.28 0.59 -0.41
C ASP B 126 -14.24 1.36 0.39
N MET B 127 -14.67 2.25 1.28
CA MET B 127 -13.74 3.20 1.90
C MET B 127 -14.28 3.77 3.17
N SER B 128 -13.35 4.26 3.96
CA SER B 128 -13.62 5.04 5.15
C SER B 128 -13.16 6.47 4.94
N PHE B 129 -13.96 7.42 5.41
CA PHE B 129 -13.51 8.81 5.44
C PHE B 129 -12.53 9.04 6.60
N THR B 130 -11.29 8.62 6.38
CA THR B 130 -10.21 8.75 7.34
C THR B 130 -8.94 8.82 6.49
N PRO B 131 -7.86 9.51 6.92
CA PRO B 131 -7.54 10.06 8.23
C PRO B 131 -7.90 11.52 8.44
N VAL B 132 -8.20 11.84 9.68
CA VAL B 132 -8.20 13.22 10.14
C VAL B 132 -6.77 13.75 10.11
N LEU B 133 -6.54 14.81 9.33
CA LEU B 133 -5.26 15.47 9.24
C LEU B 133 -5.19 16.80 9.99
N ASP B 134 -6.31 17.16 10.61
CA ASP B 134 -6.41 18.38 11.44
C ASP B 134 -5.38 18.32 12.58
N LEU B 135 -4.73 19.44 12.85
CA LEU B 135 -3.70 19.47 13.91
C LEU B 135 -4.35 19.67 15.28
N ASP B 136 -3.77 19.05 16.31
CA ASP B 136 -4.31 19.17 17.67
C ASP B 136 -3.72 20.39 18.36
N TYR B 137 -4.34 21.54 18.11
CA TYR B 137 -3.99 22.80 18.77
C TYR B 137 -4.56 22.85 20.19
N GLY B 138 -5.38 21.86 20.53
CA GLY B 138 -6.10 21.83 21.81
C GLY B 138 -7.21 22.86 21.87
N HIS B 139 -7.77 23.19 20.71
CA HIS B 139 -8.73 24.28 20.59
C HIS B 139 -10.09 23.86 20.10
N SER B 140 -10.13 22.85 19.22
CA SER B 140 -11.37 22.38 18.62
C SER B 140 -11.92 21.18 19.37
N LYS B 141 -13.07 21.36 20.00
CA LYS B 141 -13.76 20.28 20.70
C LYS B 141 -14.26 19.22 19.71
N VAL B 142 -14.79 19.66 18.57
CA VAL B 142 -15.38 18.73 17.60
C VAL B 142 -14.31 17.77 17.06
N ILE B 143 -13.08 18.25 16.91
CA ILE B 143 -11.97 17.37 16.52
C ILE B 143 -11.45 16.62 17.74
N GLY B 144 -10.89 17.33 18.71
CA GLY B 144 -10.40 16.71 19.94
C GLY B 144 -9.48 15.52 19.72
N ASP B 145 -9.83 14.38 20.32
CA ASP B 145 -8.98 13.19 20.27
C ASP B 145 -8.99 12.47 18.92
N ARG B 146 -9.76 13.02 17.97
CA ARG B 146 -9.73 12.51 16.58
C ARG B 146 -8.45 12.90 15.84
N ALA B 147 -7.75 13.92 16.34
CA ALA B 147 -6.47 14.34 15.75
C ALA B 147 -5.34 13.46 16.26
N PHE B 148 -4.35 13.18 15.41
CA PHE B 148 -3.22 12.34 15.79
C PHE B 148 -2.29 13.04 16.77
N HIS B 149 -2.10 14.34 16.56
CA HIS B 149 -0.96 15.05 17.13
C HIS B 149 -1.03 16.51 16.81
N ARG B 150 -0.27 17.31 17.55
CA ARG B 150 -0.12 18.74 17.26
C ARG B 150 0.85 18.97 16.07
N ASP B 151 1.91 18.16 16.01
CA ASP B 151 3.01 18.37 15.08
C ASP B 151 2.62 17.85 13.71
N PRO B 152 2.65 18.73 12.69
CA PRO B 152 2.21 18.28 11.36
C PRO B 152 3.09 17.18 10.77
N ARG B 153 4.35 17.10 11.19
CA ARG B 153 5.23 16.01 10.72
C ARG B 153 4.79 14.67 11.26
N VAL B 154 4.34 14.67 12.52
CA VAL B 154 3.89 13.44 13.19
C VAL B 154 2.53 13.03 12.64
N VAL B 155 1.61 13.99 12.47
CA VAL B 155 0.35 13.71 11.80
C VAL B 155 0.62 13.08 10.42
N THR B 156 1.55 13.65 9.66
CA THR B 156 1.85 13.10 8.35
C THR B 156 2.29 11.64 8.40
N LEU B 157 3.29 11.34 9.22
CA LEU B 157 3.87 9.99 9.19
C LEU B 157 2.95 8.93 9.81
N LEU B 158 2.20 9.30 10.85
CA LEU B 158 1.21 8.40 11.40
C LEU B 158 0.07 8.14 10.43
N ALA B 159 -0.46 9.21 9.82
CA ALA B 159 -1.53 9.07 8.83
C ALA B 159 -1.02 8.28 7.63
N LYS B 160 0.24 8.49 7.23
CA LYS B 160 0.82 7.74 6.13
C LYS B 160 0.85 6.24 6.48
N SER B 161 1.30 5.92 7.70
CA SER B 161 1.35 4.51 8.13
C SER B 161 -0.05 3.88 8.20
N LEU B 162 -1.02 4.65 8.68
CA LEU B 162 -2.40 4.22 8.66
C LEU B 162 -2.86 3.95 7.23
N ASN B 163 -2.63 4.91 6.33
CA ASN B 163 -3.03 4.78 4.92
C ASN B 163 -2.36 3.57 4.25
N HIS B 164 -1.15 3.25 4.65
CA HIS B 164 -0.46 2.08 4.14
C HIS B 164 -1.23 0.83 4.53
N GLY B 165 -1.67 0.75 5.80
CA GLY B 165 -2.48 -0.38 6.28
C GLY B 165 -3.78 -0.49 5.52
N LEU B 166 -4.43 0.65 5.29
CA LEU B 166 -5.64 0.65 4.46
C LEU B 166 -5.35 0.10 3.05
N SER B 167 -4.25 0.56 2.47
CA SER B 167 -3.83 0.12 1.14
C SER B 167 -3.55 -1.39 1.07
N LEU B 168 -3.04 -1.99 2.16
CA LEU B 168 -2.77 -3.43 2.17
C LEU B 168 -4.04 -4.26 1.98
N ALA B 169 -5.19 -3.69 2.38
CA ALA B 169 -6.49 -4.33 2.15
C ALA B 169 -7.19 -3.81 0.91
N GLY B 170 -6.48 -3.05 0.08
CA GLY B 170 -7.04 -2.52 -1.18
C GLY B 170 -7.92 -1.30 -1.04
N MET B 171 -7.84 -0.64 0.11
CA MET B 171 -8.70 0.50 0.40
C MET B 171 -7.94 1.83 0.31
N ALA B 172 -8.62 2.81 -0.27
CA ALA B 172 -8.11 4.18 -0.36
C ALA B 172 -8.29 4.90 0.99
N ASN B 173 -8.33 6.22 0.97
CA ASN B 173 -8.34 7.03 2.17
C ASN B 173 -8.86 8.40 1.79
N CYS B 174 -9.13 9.22 2.80
CA CYS B 174 -9.59 10.57 2.52
C CYS B 174 -9.19 11.46 3.68
N GLY B 175 -8.26 12.37 3.40
CA GLY B 175 -7.78 13.29 4.41
C GLY B 175 -8.78 14.40 4.66
N LYS B 176 -8.93 14.78 5.93
CA LYS B 176 -9.91 15.82 6.29
C LYS B 176 -9.48 16.62 7.53
N HIS B 177 -9.91 17.87 7.69
CA HIS B 177 -10.85 18.59 6.83
C HIS B 177 -10.08 19.76 6.26
N PHE B 178 -9.82 19.73 4.95
CA PHE B 178 -8.90 20.65 4.27
C PHE B 178 -9.47 22.07 4.18
N PRO B 179 -8.65 23.12 4.40
CA PRO B 179 -7.22 23.15 4.67
C PRO B 179 -6.84 22.99 6.13
N GLY B 180 -7.79 22.72 7.02
CA GLY B 180 -7.47 22.47 8.42
C GLY B 180 -8.57 22.92 9.34
N HIS B 181 -9.12 21.99 10.12
CA HIS B 181 -10.21 22.27 11.06
C HIS B 181 -9.71 22.50 12.46
N GLY B 182 -8.40 22.34 12.67
CA GLY B 182 -7.80 22.36 14.00
C GLY B 182 -7.82 23.70 14.76
N PHE B 183 -7.85 24.82 14.04
CA PHE B 183 -7.69 26.13 14.70
C PHE B 183 -9.02 26.84 14.96
N ALA B 184 -9.98 26.61 14.09
CA ALA B 184 -11.32 27.20 14.21
C ALA B 184 -12.01 26.68 15.47
N LEU B 192 -21.25 29.07 10.58
CA LEU B 192 -20.08 28.22 10.40
C LEU B 192 -18.87 28.74 11.17
N PRO B 193 -17.97 27.83 11.59
CA PRO B 193 -16.72 28.25 12.25
C PRO B 193 -15.89 29.12 11.31
N THR B 194 -15.18 30.07 11.89
CA THR B 194 -14.31 30.93 11.11
C THR B 194 -12.87 30.75 11.57
N ASP B 195 -11.94 30.94 10.64
CA ASP B 195 -10.52 30.87 10.93
C ASP B 195 -9.93 32.14 10.37
N ASP B 196 -9.32 32.96 11.24
CA ASP B 196 -8.90 34.31 10.85
C ASP B 196 -7.42 34.42 10.50
N ARG B 197 -6.73 33.30 10.35
CA ARG B 197 -5.29 33.29 10.09
C ARG B 197 -4.96 33.72 8.66
N THR B 198 -3.70 34.08 8.42
CA THR B 198 -3.25 34.40 7.06
C THR B 198 -3.17 33.13 6.22
N LEU B 199 -3.20 33.29 4.90
CA LEU B 199 -2.99 32.16 4.01
C LEU B 199 -1.65 31.51 4.30
N ASP B 200 -0.61 32.31 4.50
CA ASP B 200 0.73 31.78 4.79
C ASP B 200 0.77 30.92 6.04
N ALA B 201 0.15 31.39 7.11
CA ALA B 201 0.08 30.63 8.37
C ALA B 201 -0.63 29.30 8.18
N ILE B 202 -1.73 29.31 7.43
CA ILE B 202 -2.52 28.09 7.20
C ILE B 202 -1.70 27.08 6.37
N LEU B 203 -1.00 27.56 5.35
CA LEU B 203 -0.15 26.72 4.50
C LEU B 203 1.03 26.11 5.25
N GLU B 204 1.62 26.89 6.17
CA GLU B 204 2.84 26.52 6.88
C GLU B 204 2.70 25.26 7.72
N GLN B 205 1.57 25.11 8.39
CA GLN B 205 1.35 23.98 9.29
C GLN B 205 0.18 23.08 8.87
N ASP B 206 -1.02 23.66 8.85
CA ASP B 206 -2.25 22.88 8.64
C ASP B 206 -2.29 22.15 7.30
N VAL B 207 -1.78 22.79 6.26
CA VAL B 207 -1.81 22.22 4.92
C VAL B 207 -0.65 21.23 4.70
N ALA B 208 0.39 21.33 5.52
CA ALA B 208 1.61 20.55 5.30
C ALA B 208 1.39 19.05 5.11
N PRO B 209 0.55 18.41 5.96
CA PRO B 209 0.32 16.97 5.74
C PRO B 209 -0.22 16.64 4.35
N TYR B 210 -1.10 17.48 3.82
CA TYR B 210 -1.67 17.26 2.49
C TYR B 210 -0.55 17.29 1.46
N ASP B 211 0.40 18.19 1.64
CA ASP B 211 1.54 18.35 0.73
C ASP B 211 2.53 17.20 0.89
N TRP B 212 2.94 16.89 2.12
CA TRP B 212 3.94 15.83 2.35
C TRP B 212 3.48 14.41 2.06
N LEU B 213 2.18 14.15 2.17
CA LEU B 213 1.68 12.80 1.92
C LEU B 213 1.83 12.39 0.46
N GLY B 214 1.79 13.34 -0.46
CA GLY B 214 1.96 12.97 -1.87
C GLY B 214 0.92 11.92 -2.26
N LEU B 215 1.39 10.88 -2.95
CA LEU B 215 0.49 9.87 -3.48
C LEU B 215 -0.18 9.03 -2.40
N SER B 216 0.33 9.11 -1.16
CA SER B 216 -0.24 8.42 -0.01
CA SER B 216 -0.30 8.35 -0.08
C SER B 216 -1.60 9.00 0.43
N LEU B 217 -1.96 10.17 -0.12
CA LEU B 217 -3.24 10.84 0.12
C LEU B 217 -4.12 10.64 -1.12
N ALA B 218 -5.24 9.92 -0.97
CA ALA B 218 -6.09 9.54 -2.10
C ALA B 218 -7.18 10.56 -2.40
N ALA B 219 -7.66 11.24 -1.37
CA ALA B 219 -8.84 12.09 -1.51
C ALA B 219 -8.85 13.10 -0.39
N VAL B 220 -9.70 14.11 -0.52
CA VAL B 220 -9.82 15.15 0.49
C VAL B 220 -11.29 15.54 0.72
N ILE B 221 -11.67 15.74 1.98
CA ILE B 221 -12.90 16.47 2.31
C ILE B 221 -12.52 17.86 2.75
N PRO B 222 -13.06 18.91 2.07
CA PRO B 222 -12.79 20.25 2.57
C PRO B 222 -13.67 20.58 3.79
N ALA B 223 -13.12 21.36 4.70
CA ALA B 223 -13.86 21.84 5.85
C ALA B 223 -15.00 22.80 5.52
N HIS B 224 -16.08 22.64 6.28
CA HIS B 224 -17.14 23.63 6.36
C HIS B 224 -16.68 24.69 7.33
N VAL B 225 -15.67 25.45 6.91
CA VAL B 225 -15.04 26.51 7.70
C VAL B 225 -14.74 27.67 6.75
N ILE B 226 -14.95 28.89 7.22
CA ILE B 226 -14.62 30.07 6.44
C ILE B 226 -13.28 30.62 6.92
N TYR B 227 -12.34 30.73 5.99
CA TYR B 227 -11.01 31.27 6.27
C TYR B 227 -11.04 32.70 5.76
N THR B 228 -11.42 33.60 6.68
CA THR B 228 -11.84 34.97 6.37
C THR B 228 -10.78 35.83 5.64
N GLN B 229 -9.50 35.53 5.84
CA GLN B 229 -8.43 36.27 5.14
C GLN B 229 -8.19 35.77 3.71
N VAL B 230 -8.76 34.61 3.39
CA VAL B 230 -8.52 33.97 2.10
C VAL B 230 -9.74 34.01 1.17
N ASP B 231 -10.93 33.71 1.71
CA ASP B 231 -12.15 33.64 0.90
C ASP B 231 -13.36 33.69 1.84
N LYS B 232 -14.37 34.49 1.48
CA LYS B 232 -15.62 34.54 2.25
C LYS B 232 -16.44 33.24 2.17
N ARG B 233 -16.13 32.40 1.17
CA ARG B 233 -16.81 31.12 0.98
C ARG B 233 -16.13 30.01 1.79
N PRO B 234 -16.95 29.10 2.38
CA PRO B 234 -16.36 27.92 3.03
C PRO B 234 -15.50 27.13 2.05
N ALA B 235 -14.54 26.35 2.55
CA ALA B 235 -13.53 25.73 1.71
C ALA B 235 -14.08 24.85 0.57
N GLY B 236 -15.15 24.10 0.84
CA GLY B 236 -15.78 23.25 -0.18
C GLY B 236 -16.44 24.00 -1.32
N PHE B 237 -16.69 25.30 -1.13
CA PHE B 237 -17.32 26.17 -2.13
C PHE B 237 -16.33 27.19 -2.69
N SER B 238 -15.06 27.01 -2.37
CA SER B 238 -14.03 27.97 -2.69
C SER B 238 -13.10 27.47 -3.80
N ARG B 239 -13.20 28.09 -4.97
CA ARG B 239 -12.23 27.77 -6.02
C ARG B 239 -10.80 28.22 -5.64
N VAL B 240 -10.67 29.15 -4.70
CA VAL B 240 -9.34 29.53 -4.23
C VAL B 240 -8.69 28.36 -3.49
N TRP B 241 -9.41 27.79 -2.53
CA TRP B 241 -8.87 26.66 -1.78
C TRP B 241 -8.73 25.44 -2.64
N LEU B 242 -9.76 25.13 -3.41
CA LEU B 242 -9.74 23.87 -4.13
C LEU B 242 -8.88 23.91 -5.41
N GLN B 243 -8.94 25.03 -6.15
CA GLN B 243 -8.22 25.12 -7.41
C GLN B 243 -6.84 25.74 -7.24
N ASP B 244 -6.78 26.92 -6.62
CA ASP B 244 -5.48 27.62 -6.52
C ASP B 244 -4.54 26.93 -5.54
N ILE B 245 -5.08 26.42 -4.44
CA ILE B 245 -4.22 25.83 -3.42
C ILE B 245 -4.08 24.30 -3.58
N LEU B 246 -5.20 23.59 -3.59
CA LEU B 246 -5.14 22.13 -3.57
C LEU B 246 -4.72 21.54 -4.93
N ARG B 247 -5.47 21.86 -5.98
CA ARG B 247 -5.14 21.38 -7.34
C ARG B 247 -3.89 22.07 -7.89
N GLY B 248 -3.78 23.37 -7.63
CA GLY B 248 -2.70 24.17 -8.21
C GLY B 248 -1.39 23.96 -7.48
N LYS B 249 -1.24 24.67 -6.36
CA LYS B 249 0.00 24.66 -5.58
C LYS B 249 0.48 23.28 -5.12
N LEU B 250 -0.45 22.46 -4.63
CA LEU B 250 -0.08 21.12 -4.15
C LEU B 250 -0.10 20.08 -5.26
N GLY B 251 -0.69 20.41 -6.41
CA GLY B 251 -0.76 19.48 -7.53
C GLY B 251 -1.57 18.23 -7.24
N PHE B 252 -2.55 18.35 -6.35
CA PHE B 252 -3.32 17.19 -5.92
C PHE B 252 -4.22 16.66 -7.04
N THR B 253 -4.23 15.35 -7.26
CA THR B 253 -4.98 14.76 -8.37
C THR B 253 -6.08 13.80 -7.92
N GLY B 254 -6.30 13.68 -6.60
CA GLY B 254 -7.26 12.72 -6.03
C GLY B 254 -8.65 13.34 -5.99
N ALA B 255 -9.62 12.53 -5.59
CA ALA B 255 -11.00 13.00 -5.46
C ALA B 255 -11.18 14.01 -4.34
N ILE B 256 -12.11 14.93 -4.57
CA ILE B 256 -12.52 15.86 -3.53
C ILE B 256 -14.01 15.65 -3.23
N PHE B 257 -14.33 15.34 -1.98
CA PHE B 257 -15.71 15.10 -1.54
C PHE B 257 -16.12 16.29 -0.69
N SER B 258 -17.28 16.88 -0.99
CA SER B 258 -17.80 17.88 -0.07
C SER B 258 -18.12 17.24 1.28
N ASP B 259 -18.04 18.04 2.33
CA ASP B 259 -18.64 17.61 3.58
C ASP B 259 -20.17 17.72 3.40
N ASP B 260 -20.93 17.21 4.37
CA ASP B 260 -22.37 17.07 4.24
C ASP B 260 -23.04 18.41 3.93
N LEU B 261 -23.75 18.50 2.81
CA LEU B 261 -24.41 19.76 2.42
C LEU B 261 -25.67 20.01 3.23
N SER B 262 -26.08 19.01 4.01
CA SER B 262 -27.22 19.12 4.92
C SER B 262 -26.91 19.97 6.15
N MET B 263 -25.63 20.19 6.41
CA MET B 263 -25.19 20.96 7.59
C MET B 263 -25.51 22.45 7.46
N THR B 271 -30.89 27.22 -2.70
CA THR B 271 -31.43 25.88 -2.45
C THR B 271 -30.32 24.84 -2.25
N LEU B 272 -30.71 23.66 -1.78
CA LEU B 272 -29.78 22.56 -1.58
C LEU B 272 -29.13 22.19 -2.92
N THR B 273 -29.92 22.23 -3.99
CA THR B 273 -29.40 21.93 -5.32
C THR B 273 -28.37 22.97 -5.74
N GLN B 274 -28.68 24.24 -5.50
CA GLN B 274 -27.72 25.30 -5.80
C GLN B 274 -26.42 25.15 -5.01
N ALA B 275 -26.50 24.67 -3.76
CA ALA B 275 -25.31 24.43 -2.93
C ALA B 275 -24.44 23.32 -3.51
N ALA B 276 -25.11 22.28 -4.00
CA ALA B 276 -24.46 21.15 -4.62
C ALA B 276 -23.76 21.60 -5.90
N ASP B 277 -24.46 22.38 -6.73
CA ASP B 277 -23.85 22.90 -7.94
C ASP B 277 -22.64 23.82 -7.65
N ALA B 278 -22.73 24.58 -6.57
CA ALA B 278 -21.66 25.51 -6.20
C ALA B 278 -20.42 24.74 -5.79
N ALA B 279 -20.63 23.69 -4.99
CA ALA B 279 -19.51 22.88 -4.51
C ALA B 279 -18.85 22.15 -5.67
N LEU B 280 -19.64 21.62 -6.59
CA LEU B 280 -19.09 20.95 -7.76
C LEU B 280 -18.31 21.92 -8.65
N ALA B 281 -18.90 23.09 -8.90
CA ALA B 281 -18.23 24.09 -9.73
C ALA B 281 -16.92 24.58 -9.11
N ALA B 282 -16.89 24.67 -7.78
CA ALA B 282 -15.66 25.08 -7.09
C ALA B 282 -14.51 24.04 -7.17
N GLY B 283 -14.86 22.75 -7.29
CA GLY B 283 -13.84 21.72 -7.44
C GLY B 283 -14.12 20.36 -6.81
N CYS B 284 -15.25 20.22 -6.11
CA CYS B 284 -15.62 18.91 -5.60
C CYS B 284 -15.98 18.00 -6.74
N ASP B 285 -15.51 16.76 -6.65
CA ASP B 285 -15.92 15.75 -7.61
C ASP B 285 -17.23 15.10 -7.17
N MET B 286 -17.44 15.03 -5.85
CA MET B 286 -18.64 14.45 -5.30
CA MET B 286 -18.62 14.43 -5.27
C MET B 286 -19.16 15.34 -4.19
N VAL B 287 -20.47 15.36 -4.05
CA VAL B 287 -21.10 16.11 -2.95
C VAL B 287 -21.88 15.15 -2.07
N LEU B 288 -21.81 15.38 -0.77
CA LEU B 288 -22.56 14.57 0.21
C LEU B 288 -23.88 15.24 0.61
N VAL B 289 -24.98 14.50 0.53
CA VAL B 289 -26.26 14.99 1.01
C VAL B 289 -26.81 13.91 1.93
N CYS B 290 -26.73 14.16 3.23
CA CYS B 290 -27.03 13.15 4.23
C CYS B 290 -28.30 13.42 5.01
N ASN B 291 -28.96 12.34 5.43
CA ASN B 291 -30.03 12.42 6.42
C ASN B 291 -31.30 13.11 5.90
N GLN B 292 -31.42 13.27 4.59
CA GLN B 292 -32.66 13.72 3.96
C GLN B 292 -32.79 13.17 2.55
N PRO B 293 -33.06 11.85 2.42
CA PRO B 293 -33.11 11.26 1.09
C PRO B 293 -34.09 11.94 0.09
N ASP B 294 -35.22 12.46 0.56
CA ASP B 294 -36.17 13.18 -0.31
C ASP B 294 -35.59 14.49 -0.88
N ALA B 295 -34.95 15.27 -0.01
CA ALA B 295 -34.25 16.47 -0.43
C ALA B 295 -33.12 16.12 -1.39
N ALA B 296 -32.44 14.99 -1.13
CA ALA B 296 -31.35 14.52 -2.00
C ALA B 296 -31.87 14.18 -3.38
N GLU B 297 -33.07 13.61 -3.46
CA GLU B 297 -33.70 13.27 -4.75
C GLU B 297 -34.01 14.53 -5.55
N VAL B 298 -34.43 15.60 -4.86
CA VAL B 298 -34.60 16.90 -5.52
C VAL B 298 -33.26 17.35 -6.13
N VAL B 299 -32.15 17.22 -5.39
CA VAL B 299 -30.81 17.54 -5.92
C VAL B 299 -30.50 16.68 -7.15
N LEU B 300 -30.73 15.37 -7.05
CA LEU B 300 -30.46 14.49 -8.21
C LEU B 300 -31.13 15.03 -9.48
N ASN B 301 -32.40 15.42 -9.35
CA ASN B 301 -33.19 15.80 -10.52
C ASN B 301 -33.02 17.24 -10.97
N GLY B 302 -32.45 18.08 -10.12
CA GLY B 302 -32.29 19.50 -10.44
C GLY B 302 -30.87 19.93 -10.73
N LEU B 303 -29.91 19.06 -10.43
CA LEU B 303 -28.50 19.40 -10.53
C LEU B 303 -28.13 19.83 -11.96
N LYS B 304 -27.34 20.90 -12.07
CA LYS B 304 -26.91 21.44 -13.38
C LYS B 304 -25.54 20.90 -13.83
N ALA B 305 -24.72 20.51 -12.86
CA ALA B 305 -23.32 20.12 -13.09
C ALA B 305 -23.18 19.01 -14.11
N ARG B 306 -22.17 19.15 -14.96
CA ARG B 306 -21.75 18.09 -15.86
C ARG B 306 -20.33 17.71 -15.49
N ALA B 307 -20.17 16.49 -14.98
CA ALA B 307 -18.88 16.00 -14.51
C ALA B 307 -17.87 15.93 -15.64
N SER B 308 -16.66 16.42 -15.38
CA SER B 308 -15.56 16.26 -16.31
C SER B 308 -15.12 14.80 -16.31
N ALA B 309 -14.53 14.36 -17.42
CA ALA B 309 -13.99 13.02 -17.51
C ALA B 309 -12.98 12.76 -16.38
N GLU B 310 -12.20 13.78 -16.03
CA GLU B 310 -11.20 13.64 -14.97
C GLU B 310 -11.90 13.42 -13.63
N SER B 311 -13.00 14.12 -13.38
CA SER B 311 -13.79 13.89 -12.15
C SER B 311 -14.27 12.46 -12.03
N VAL B 312 -14.82 11.92 -13.12
CA VAL B 312 -15.24 10.52 -13.15
C VAL B 312 -14.07 9.58 -12.87
N ARG B 313 -12.92 9.83 -13.47
CA ARG B 313 -11.72 9.01 -13.22
C ARG B 313 -11.37 9.02 -11.74
N ARG B 314 -11.40 10.21 -11.12
CA ARG B 314 -11.09 10.34 -9.70
CA ARG B 314 -11.07 10.34 -9.71
C ARG B 314 -12.05 9.55 -8.83
N ILE B 315 -13.34 9.61 -9.15
CA ILE B 315 -14.34 8.88 -8.38
C ILE B 315 -14.15 7.37 -8.50
N LYS B 316 -13.92 6.88 -9.71
CA LYS B 316 -13.74 5.44 -9.91
C LYS B 316 -12.53 4.94 -9.13
N ARG B 317 -11.50 5.77 -8.99
CA ARG B 317 -10.27 5.39 -8.27
C ARG B 317 -10.43 5.25 -6.76
N MET B 318 -11.60 5.63 -6.26
CA MET B 318 -11.91 5.47 -4.85
C MET B 318 -12.50 4.09 -4.52
N ARG B 319 -12.92 3.34 -5.54
CA ARG B 319 -13.45 2.00 -5.31
C ARG B 319 -12.34 1.12 -4.74
N ALA B 320 -12.71 0.23 -3.84
CA ALA B 320 -11.74 -0.72 -3.32
C ALA B 320 -11.16 -1.61 -4.44
N ARG B 321 -9.91 -2.01 -4.25
CA ARG B 321 -9.17 -2.72 -5.28
C ARG B 321 -8.95 -4.17 -4.89
N GLY B 322 -9.04 -5.05 -5.88
CA GLY B 322 -8.73 -6.45 -5.69
C GLY B 322 -9.81 -7.16 -4.91
N LYS B 323 -9.52 -8.40 -4.58
CA LYS B 323 -10.45 -9.26 -3.90
C LYS B 323 -10.37 -8.98 -2.41
N ALA B 324 -11.48 -9.18 -1.71
CA ALA B 324 -11.44 -9.13 -0.26
C ALA B 324 -11.90 -10.45 0.34
N LEU B 325 -11.34 -10.74 1.50
CA LEU B 325 -11.73 -11.93 2.25
C LEU B 325 -13.07 -11.72 2.91
N LYS B 326 -13.91 -12.75 2.88
CA LYS B 326 -15.12 -12.74 3.66
C LYS B 326 -14.76 -12.88 5.14
N TRP B 327 -15.70 -12.52 6.01
CA TRP B 327 -15.43 -12.44 7.44
C TRP B 327 -14.81 -13.68 8.03
N ASP B 328 -15.40 -14.85 7.73
CA ASP B 328 -14.93 -16.11 8.33
C ASP B 328 -13.50 -16.45 7.90
N LYS B 329 -13.10 -16.05 6.69
CA LYS B 329 -11.71 -16.25 6.24
C LYS B 329 -10.79 -15.20 6.87
N LEU B 330 -11.27 -13.97 6.94
CA LEU B 330 -10.46 -12.88 7.50
C LEU B 330 -10.01 -13.16 8.94
N ILE B 331 -10.93 -13.63 9.78
CA ILE B 331 -10.63 -13.76 11.21
C ILE B 331 -9.65 -14.88 11.50
N ALA B 332 -9.40 -15.74 10.51
CA ALA B 332 -8.42 -16.80 10.62
C ALA B 332 -7.13 -16.50 9.84
N GLN B 333 -7.05 -15.31 9.25
CA GLN B 333 -5.89 -14.96 8.43
C GLN B 333 -4.67 -14.58 9.29
N PRO B 334 -3.50 -15.18 9.03
CA PRO B 334 -2.36 -14.86 9.89
C PRO B 334 -2.06 -13.36 10.04
N GLU B 335 -2.15 -12.60 8.94
CA GLU B 335 -1.81 -11.18 9.03
C GLU B 335 -2.80 -10.41 9.90
N TYR B 336 -4.08 -10.69 9.71
CA TYR B 336 -5.11 -10.08 10.56
C TYR B 336 -4.88 -10.44 12.02
N LEU B 337 -4.59 -11.71 12.28
CA LEU B 337 -4.34 -12.15 13.66
C LEU B 337 -3.12 -11.44 14.24
N GLN B 338 -2.06 -11.28 13.43
CA GLN B 338 -0.87 -10.54 13.89
C GLN B 338 -1.21 -9.08 14.24
N ALA B 339 -2.00 -8.44 13.38
CA ALA B 339 -2.39 -7.06 13.61
C ALA B 339 -3.21 -6.95 14.92
N GLN B 340 -4.15 -7.88 15.14
CA GLN B 340 -4.95 -7.90 16.37
C GLN B 340 -4.06 -8.04 17.60
N ALA B 341 -3.11 -8.98 17.54
CA ALA B 341 -2.22 -9.23 18.66
C ALA B 341 -1.40 -7.99 18.97
N LEU B 342 -0.95 -7.27 17.92
CA LEU B 342 -0.14 -6.06 18.12
C LEU B 342 -0.96 -4.92 18.75
N LEU B 343 -2.18 -4.72 18.25
CA LEU B 343 -3.06 -3.71 18.83
C LEU B 343 -3.30 -4.02 20.31
N SER B 344 -3.56 -5.28 20.61
CA SER B 344 -3.86 -5.71 21.98
C SER B 344 -2.70 -5.48 22.95
N SER B 345 -1.47 -5.62 22.46
CA SER B 345 -0.27 -5.48 23.29
CA SER B 345 -0.28 -5.49 23.29
C SER B 345 0.28 -4.06 23.34
N ALA B 346 0.35 -3.40 22.20
CA ALA B 346 0.97 -2.07 22.12
C ALA B 346 0.10 -0.94 22.66
N LEU B 347 -1.23 -1.09 22.58
CA LEU B 347 -2.11 -0.03 23.05
C LEU B 347 -2.75 -0.27 24.41
N ALA B 348 -2.38 -1.37 25.04
CA ALA B 348 -2.89 -1.73 26.36
C ALA B 348 -2.54 -0.66 27.39
#